data_3F2E
# 
_entry.id   3F2E 
# 
_audit_conform.dict_name       mmcif_pdbx.dic 
_audit_conform.dict_version    5.389 
_audit_conform.dict_location   http://mmcif.pdb.org/dictionaries/ascii/mmcif_pdbx.dic 
# 
loop_
_database_2.database_id 
_database_2.database_code 
_database_2.pdbx_database_accession 
_database_2.pdbx_DOI 
PDB   3F2E         pdb_00003f2e 10.2210/pdb3f2e/pdb 
RCSB  RCSB050060   ?            ?                   
WWPDB D_1000050060 ?            ?                   
# 
loop_
_pdbx_audit_revision_history.ordinal 
_pdbx_audit_revision_history.data_content_type 
_pdbx_audit_revision_history.major_revision 
_pdbx_audit_revision_history.minor_revision 
_pdbx_audit_revision_history.revision_date 
1 'Structure model' 1 0 2009-04-21 
2 'Structure model' 1 1 2011-07-13 
3 'Structure model' 1 2 2012-03-21 
4 'Structure model' 1 3 2020-02-26 
5 'Structure model' 1 4 2023-12-27 
6 'Structure model' 1 5 2024-04-03 
# 
_pdbx_audit_revision_details.ordinal             1 
_pdbx_audit_revision_details.revision_ordinal    1 
_pdbx_audit_revision_details.data_content_type   'Structure model' 
_pdbx_audit_revision_details.provider            repository 
_pdbx_audit_revision_details.type                'Initial release' 
_pdbx_audit_revision_details.description         ? 
_pdbx_audit_revision_details.details             ? 
# 
loop_
_pdbx_audit_revision_group.ordinal 
_pdbx_audit_revision_group.revision_ordinal 
_pdbx_audit_revision_group.data_content_type 
_pdbx_audit_revision_group.group 
1 2 'Structure model' 'Version format compliance' 
2 3 'Structure model' 'Database references'       
3 4 'Structure model' 'Data collection'           
4 5 'Structure model' 'Data collection'           
5 5 'Structure model' 'Database references'       
6 5 'Structure model' 'Derived calculations'      
7 6 'Structure model' 'Refinement description'    
# 
loop_
_pdbx_audit_revision_category.ordinal 
_pdbx_audit_revision_category.revision_ordinal 
_pdbx_audit_revision_category.data_content_type 
_pdbx_audit_revision_category.category 
1 4 'Structure model' reflns                        
2 4 'Structure model' reflns_shell                  
3 5 'Structure model' chem_comp_atom                
4 5 'Structure model' chem_comp_bond                
5 5 'Structure model' database_2                    
6 5 'Structure model' struct_site                   
7 6 'Structure model' pdbx_initial_refinement_model 
# 
loop_
_pdbx_audit_revision_item.ordinal 
_pdbx_audit_revision_item.revision_ordinal 
_pdbx_audit_revision_item.data_content_type 
_pdbx_audit_revision_item.item 
1 4 'Structure model' '_reflns.pdbx_Rmerge_I_obs'           
2 4 'Structure model' '_reflns.pdbx_Rsym_value'             
3 4 'Structure model' '_reflns_shell.Rmerge_I_obs'          
4 4 'Structure model' '_reflns_shell.pdbx_Rsym_value'       
5 5 'Structure model' '_database_2.pdbx_DOI'                
6 5 'Structure model' '_database_2.pdbx_database_accession' 
7 5 'Structure model' '_struct_site.pdbx_auth_asym_id'      
8 5 'Structure model' '_struct_site.pdbx_auth_comp_id'      
9 5 'Structure model' '_struct_site.pdbx_auth_seq_id'       
# 
_pdbx_database_status.status_code                     REL 
_pdbx_database_status.entry_id                        3F2E 
_pdbx_database_status.recvd_initial_deposition_date   2008-10-29 
_pdbx_database_status.deposit_site                    RCSB 
_pdbx_database_status.process_site                    RCSB 
_pdbx_database_status.status_code_sf                  REL 
_pdbx_database_status.status_code_mr                  ? 
_pdbx_database_status.SG_entry                        . 
_pdbx_database_status.status_code_cs                  ? 
_pdbx_database_status.methods_development_category    ? 
_pdbx_database_status.pdb_format_compatible           Y 
_pdbx_database_status.status_code_nmr_data            ? 
# 
loop_
_audit_author.name 
_audit_author.pdbx_ordinal 
'Taurog, R.E.'     1 
'Szymczyna, B.R.'  2 
'Williamson, J.R.' 3 
'Johnson, J.E.'    4 
# 
_citation.id                        primary 
_citation.title                     'Synergy of NMR, computation, and X-ray crystallography for structural biology.' 
_citation.journal_abbrev            Structure 
_citation.journal_volume            17 
_citation.page_first                499 
_citation.page_last                 507 
_citation.year                      2009 
_citation.journal_id_ASTM           STRUE6 
_citation.country                   UK 
_citation.journal_id_ISSN           0969-2126 
_citation.journal_id_CSD            2005 
_citation.book_publisher            ? 
_citation.pdbx_database_id_PubMed   19368883 
_citation.pdbx_database_id_DOI      10.1016/j.str.2009.03.001 
# 
loop_
_citation_author.citation_id 
_citation_author.name 
_citation_author.ordinal 
_citation_author.identifier_ORCID 
primary 'Szymczyna, B.R.'  1 ? 
primary 'Taurog, R.E.'     2 ? 
primary 'Young, M.J.'      3 ? 
primary 'Snyder, J.C.'     4 ? 
primary 'Johnson, J.E.'    5 ? 
primary 'Williamson, J.R.' 6 ? 
# 
loop_
_entity.id 
_entity.type 
_entity.src_method 
_entity.pdbx_description 
_entity.formula_weight 
_entity.pdbx_number_of_molecules 
_entity.pdbx_ec 
_entity.pdbx_mutation 
_entity.pdbx_fragment 
_entity.details 
1 polymer     man 'SIRV coat protein' 10498.848 1  ? ? 'C-terminal domain' ? 
2 non-polymer syn 'CITRIC ACID'       192.124   1  ? ? ?                   ? 
3 water       nat water               18.015    80 ? ? ?                   ? 
# 
_entity_poly.entity_id                      1 
_entity_poly.type                           'polypeptide(L)' 
_entity_poly.nstd_linkage                   no 
_entity_poly.nstd_monomer                   no 
_entity_poly.pdbx_seq_one_letter_code       
;MQTNVPKFTAVAEQVSAVLSQYGITGPNRAIYQGFGLKVARALNRLGGGPALVNMINGLKAYYISAFNANPTVLDAVTDI
ITGSPTGYVSGGSGHHHHHH
;
_entity_poly.pdbx_seq_one_letter_code_can   
;MQTNVPKFTAVAEQVSAVLSQYGITGPNRAIYQGFGLKVARALNRLGGGPALVNMINGLKAYYISAFNANPTVLDAVTDI
ITGSPTGYVSGGSGHHHHHH
;
_entity_poly.pdbx_strand_id                 A 
_entity_poly.pdbx_target_identifier         ? 
# 
loop_
_pdbx_entity_nonpoly.entity_id 
_pdbx_entity_nonpoly.name 
_pdbx_entity_nonpoly.comp_id 
2 'CITRIC ACID' CIT 
3 water         HOH 
# 
loop_
_entity_poly_seq.entity_id 
_entity_poly_seq.num 
_entity_poly_seq.mon_id 
_entity_poly_seq.hetero 
1 1   MET n 
1 2   GLN n 
1 3   THR n 
1 4   ASN n 
1 5   VAL n 
1 6   PRO n 
1 7   LYS n 
1 8   PHE n 
1 9   THR n 
1 10  ALA n 
1 11  VAL n 
1 12  ALA n 
1 13  GLU n 
1 14  GLN n 
1 15  VAL n 
1 16  SER n 
1 17  ALA n 
1 18  VAL n 
1 19  LEU n 
1 20  SER n 
1 21  GLN n 
1 22  TYR n 
1 23  GLY n 
1 24  ILE n 
1 25  THR n 
1 26  GLY n 
1 27  PRO n 
1 28  ASN n 
1 29  ARG n 
1 30  ALA n 
1 31  ILE n 
1 32  TYR n 
1 33  GLN n 
1 34  GLY n 
1 35  PHE n 
1 36  GLY n 
1 37  LEU n 
1 38  LYS n 
1 39  VAL n 
1 40  ALA n 
1 41  ARG n 
1 42  ALA n 
1 43  LEU n 
1 44  ASN n 
1 45  ARG n 
1 46  LEU n 
1 47  GLY n 
1 48  GLY n 
1 49  GLY n 
1 50  PRO n 
1 51  ALA n 
1 52  LEU n 
1 53  VAL n 
1 54  ASN n 
1 55  MET n 
1 56  ILE n 
1 57  ASN n 
1 58  GLY n 
1 59  LEU n 
1 60  LYS n 
1 61  ALA n 
1 62  TYR n 
1 63  TYR n 
1 64  ILE n 
1 65  SER n 
1 66  ALA n 
1 67  PHE n 
1 68  ASN n 
1 69  ALA n 
1 70  ASN n 
1 71  PRO n 
1 72  THR n 
1 73  VAL n 
1 74  LEU n 
1 75  ASP n 
1 76  ALA n 
1 77  VAL n 
1 78  THR n 
1 79  ASP n 
1 80  ILE n 
1 81  ILE n 
1 82  THR n 
1 83  GLY n 
1 84  SER n 
1 85  PRO n 
1 86  THR n 
1 87  GLY n 
1 88  TYR n 
1 89  VAL n 
1 90  SER n 
1 91  GLY n 
1 92  GLY n 
1 93  SER n 
1 94  GLY n 
1 95  HIS n 
1 96  HIS n 
1 97  HIS n 
1 98  HIS n 
1 99  HIS n 
1 100 HIS n 
# 
_entity_src_gen.entity_id                          1 
_entity_src_gen.pdbx_src_id                        1 
_entity_src_gen.pdbx_alt_source_flag               sample 
_entity_src_gen.pdbx_seq_type                      ? 
_entity_src_gen.pdbx_beg_seq_num                   ? 
_entity_src_gen.pdbx_end_seq_num                   ? 
_entity_src_gen.gene_src_common_name               ? 
_entity_src_gen.gene_src_genus                     ? 
_entity_src_gen.pdbx_gene_src_gene                 ? 
_entity_src_gen.gene_src_species                   ? 
_entity_src_gen.gene_src_strain                    ? 
_entity_src_gen.gene_src_tissue                    ? 
_entity_src_gen.gene_src_tissue_fraction           ? 
_entity_src_gen.gene_src_details                   
'pET31a tags were removed from the vector, a C-terminal hexahistidine tag was cloned in' 
_entity_src_gen.pdbx_gene_src_fragment             ? 
_entity_src_gen.pdbx_gene_src_scientific_name      'Sulfolobus islandicus rudivirus 1 variant YNP' 
_entity_src_gen.pdbx_gene_src_ncbi_taxonomy_id     187213 
_entity_src_gen.pdbx_gene_src_variant              ? 
_entity_src_gen.pdbx_gene_src_cell_line            ? 
_entity_src_gen.pdbx_gene_src_atcc                 ? 
_entity_src_gen.pdbx_gene_src_organ                ? 
_entity_src_gen.pdbx_gene_src_organelle            ? 
_entity_src_gen.pdbx_gene_src_cell                 ? 
_entity_src_gen.pdbx_gene_src_cellular_location    ? 
_entity_src_gen.host_org_common_name               ? 
_entity_src_gen.pdbx_host_org_scientific_name      'Escherichia coli' 
_entity_src_gen.pdbx_host_org_ncbi_taxonomy_id     469008 
_entity_src_gen.host_org_genus                     ? 
_entity_src_gen.pdbx_host_org_gene                 ? 
_entity_src_gen.pdbx_host_org_organ                ? 
_entity_src_gen.host_org_species                   ? 
_entity_src_gen.pdbx_host_org_tissue               ? 
_entity_src_gen.pdbx_host_org_tissue_fraction      ? 
_entity_src_gen.pdbx_host_org_strain               'BL21(DE3)pLySs' 
_entity_src_gen.pdbx_host_org_variant              ? 
_entity_src_gen.pdbx_host_org_cell_line            ? 
_entity_src_gen.pdbx_host_org_atcc                 ? 
_entity_src_gen.pdbx_host_org_culture_collection   ? 
_entity_src_gen.pdbx_host_org_cell                 ? 
_entity_src_gen.pdbx_host_org_organelle            ? 
_entity_src_gen.pdbx_host_org_cellular_location    ? 
_entity_src_gen.pdbx_host_org_vector_type          plasmid 
_entity_src_gen.pdbx_host_org_vector               ? 
_entity_src_gen.host_org_details                   ? 
_entity_src_gen.expression_system_id               ? 
_entity_src_gen.plasmid_name                       pET31a 
_entity_src_gen.plasmid_details                    ? 
_entity_src_gen.pdbx_description                   ? 
# 
loop_
_chem_comp.id 
_chem_comp.type 
_chem_comp.mon_nstd_flag 
_chem_comp.name 
_chem_comp.pdbx_synonyms 
_chem_comp.formula 
_chem_comp.formula_weight 
ALA 'L-peptide linking' y ALANINE         ? 'C3 H7 N O2'     89.093  
ARG 'L-peptide linking' y ARGININE        ? 'C6 H15 N4 O2 1' 175.209 
ASN 'L-peptide linking' y ASPARAGINE      ? 'C4 H8 N2 O3'    132.118 
ASP 'L-peptide linking' y 'ASPARTIC ACID' ? 'C4 H7 N O4'     133.103 
CIT non-polymer         . 'CITRIC ACID'   ? 'C6 H8 O7'       192.124 
GLN 'L-peptide linking' y GLUTAMINE       ? 'C5 H10 N2 O3'   146.144 
GLU 'L-peptide linking' y 'GLUTAMIC ACID' ? 'C5 H9 N O4'     147.129 
GLY 'peptide linking'   y GLYCINE         ? 'C2 H5 N O2'     75.067  
HIS 'L-peptide linking' y HISTIDINE       ? 'C6 H10 N3 O2 1' 156.162 
HOH non-polymer         . WATER           ? 'H2 O'           18.015  
ILE 'L-peptide linking' y ISOLEUCINE      ? 'C6 H13 N O2'    131.173 
LEU 'L-peptide linking' y LEUCINE         ? 'C6 H13 N O2'    131.173 
LYS 'L-peptide linking' y LYSINE          ? 'C6 H15 N2 O2 1' 147.195 
MET 'L-peptide linking' y METHIONINE      ? 'C5 H11 N O2 S'  149.211 
PHE 'L-peptide linking' y PHENYLALANINE   ? 'C9 H11 N O2'    165.189 
PRO 'L-peptide linking' y PROLINE         ? 'C5 H9 N O2'     115.130 
SER 'L-peptide linking' y SERINE          ? 'C3 H7 N O3'     105.093 
THR 'L-peptide linking' y THREONINE       ? 'C4 H9 N O3'     119.119 
TYR 'L-peptide linking' y TYROSINE        ? 'C9 H11 N O3'    181.189 
VAL 'L-peptide linking' y VALINE          ? 'C5 H11 N O2'    117.146 
# 
loop_
_pdbx_poly_seq_scheme.asym_id 
_pdbx_poly_seq_scheme.entity_id 
_pdbx_poly_seq_scheme.seq_id 
_pdbx_poly_seq_scheme.mon_id 
_pdbx_poly_seq_scheme.ndb_seq_num 
_pdbx_poly_seq_scheme.pdb_seq_num 
_pdbx_poly_seq_scheme.auth_seq_num 
_pdbx_poly_seq_scheme.pdb_mon_id 
_pdbx_poly_seq_scheme.auth_mon_id 
_pdbx_poly_seq_scheme.pdb_strand_id 
_pdbx_poly_seq_scheme.pdb_ins_code 
_pdbx_poly_seq_scheme.hetero 
A 1 1   MET 1   45  ?   ?   ?   A . n 
A 1 2   GLN 2   46  ?   ?   ?   A . n 
A 1 3   THR 3   47  ?   ?   ?   A . n 
A 1 4   ASN 4   48  ?   ?   ?   A . n 
A 1 5   VAL 5   49  ?   ?   ?   A . n 
A 1 6   PRO 6   50  ?   ?   ?   A . n 
A 1 7   LYS 7   51  ?   ?   ?   A . n 
A 1 8   PHE 8   52  52  PHE PHE A . n 
A 1 9   THR 9   53  53  THR THR A . n 
A 1 10  ALA 10  54  54  ALA ALA A . n 
A 1 11  VAL 11  55  55  VAL VAL A . n 
A 1 12  ALA 12  56  56  ALA ALA A . n 
A 1 13  GLU 13  57  57  GLU GLU A . n 
A 1 14  GLN 14  58  58  GLN GLN A . n 
A 1 15  VAL 15  59  59  VAL VAL A . n 
A 1 16  SER 16  60  60  SER SER A . n 
A 1 17  ALA 17  61  61  ALA ALA A . n 
A 1 18  VAL 18  62  62  VAL VAL A . n 
A 1 19  LEU 19  63  63  LEU LEU A . n 
A 1 20  SER 20  64  64  SER SER A . n 
A 1 21  GLN 21  65  65  GLN GLN A . n 
A 1 22  TYR 22  66  66  TYR TYR A . n 
A 1 23  GLY 23  67  67  GLY GLY A . n 
A 1 24  ILE 24  68  68  ILE ILE A . n 
A 1 25  THR 25  69  69  THR THR A . n 
A 1 26  GLY 26  70  70  GLY GLY A . n 
A 1 27  PRO 27  71  71  PRO PRO A . n 
A 1 28  ASN 28  72  72  ASN ASN A . n 
A 1 29  ARG 29  73  73  ARG ARG A . n 
A 1 30  ALA 30  74  74  ALA ALA A . n 
A 1 31  ILE 31  75  75  ILE ILE A . n 
A 1 32  TYR 32  76  76  TYR TYR A . n 
A 1 33  GLN 33  77  77  GLN GLN A . n 
A 1 34  GLY 34  78  78  GLY GLY A . n 
A 1 35  PHE 35  79  79  PHE PHE A . n 
A 1 36  GLY 36  80  80  GLY GLY A . n 
A 1 37  LEU 37  81  81  LEU LEU A . n 
A 1 38  LYS 38  82  82  LYS LYS A . n 
A 1 39  VAL 39  83  83  VAL VAL A . n 
A 1 40  ALA 40  84  84  ALA ALA A . n 
A 1 41  ARG 41  85  85  ARG ARG A . n 
A 1 42  ALA 42  86  86  ALA ALA A . n 
A 1 43  LEU 43  87  87  LEU LEU A . n 
A 1 44  ASN 44  88  88  ASN ASN A . n 
A 1 45  ARG 45  89  89  ARG ARG A . n 
A 1 46  LEU 46  90  90  LEU LEU A . n 
A 1 47  GLY 47  91  91  GLY GLY A . n 
A 1 48  GLY 48  92  92  GLY GLY A . n 
A 1 49  GLY 49  93  93  GLY GLY A . n 
A 1 50  PRO 50  94  94  PRO PRO A . n 
A 1 51  ALA 51  95  95  ALA ALA A . n 
A 1 52  LEU 52  96  96  LEU LEU A . n 
A 1 53  VAL 53  97  97  VAL VAL A . n 
A 1 54  ASN 54  98  98  ASN ASN A . n 
A 1 55  MET 55  99  99  MET MET A . n 
A 1 56  ILE 56  100 100 ILE ILE A . n 
A 1 57  ASN 57  101 101 ASN ASN A . n 
A 1 58  GLY 58  102 102 GLY GLY A . n 
A 1 59  LEU 59  103 103 LEU LEU A . n 
A 1 60  LYS 60  104 104 LYS LYS A . n 
A 1 61  ALA 61  105 105 ALA ALA A . n 
A 1 62  TYR 62  106 106 TYR TYR A . n 
A 1 63  TYR 63  107 107 TYR TYR A . n 
A 1 64  ILE 64  108 108 ILE ILE A . n 
A 1 65  SER 65  109 109 SER SER A . n 
A 1 66  ALA 66  110 110 ALA ALA A . n 
A 1 67  PHE 67  111 111 PHE PHE A . n 
A 1 68  ASN 68  112 112 ASN ASN A . n 
A 1 69  ALA 69  113 113 ALA ALA A . n 
A 1 70  ASN 70  114 114 ASN ASN A . n 
A 1 71  PRO 71  115 115 PRO PRO A . n 
A 1 72  THR 72  116 116 THR THR A . n 
A 1 73  VAL 73  117 117 VAL VAL A . n 
A 1 74  LEU 74  118 118 LEU LEU A . n 
A 1 75  ASP 75  119 119 ASP ASP A . n 
A 1 76  ALA 76  120 120 ALA ALA A . n 
A 1 77  VAL 77  121 121 VAL VAL A . n 
A 1 78  THR 78  122 122 THR THR A . n 
A 1 79  ASP 79  123 123 ASP ASP A . n 
A 1 80  ILE 80  124 124 ILE ILE A . n 
A 1 81  ILE 81  125 125 ILE ILE A . n 
A 1 82  THR 82  126 126 THR THR A . n 
A 1 83  GLY 83  127 127 GLY GLY A . n 
A 1 84  SER 84  128 128 SER SER A . n 
A 1 85  PRO 85  129 129 PRO PRO A . n 
A 1 86  THR 86  130 130 THR THR A . n 
A 1 87  GLY 87  131 131 GLY GLY A . n 
A 1 88  TYR 88  132 132 TYR TYR A . n 
A 1 89  VAL 89  133 133 VAL VAL A . n 
A 1 90  SER 90  134 134 SER SER A . n 
A 1 91  GLY 91  135 ?   ?   ?   A . n 
A 1 92  GLY 92  136 ?   ?   ?   A . n 
A 1 93  SER 93  137 ?   ?   ?   A . n 
A 1 94  GLY 94  138 ?   ?   ?   A . n 
A 1 95  HIS 95  139 ?   ?   ?   A . n 
A 1 96  HIS 96  140 ?   ?   ?   A . n 
A 1 97  HIS 97  141 ?   ?   ?   A . n 
A 1 98  HIS 98  142 ?   ?   ?   A . n 
A 1 99  HIS 99  143 ?   ?   ?   A . n 
A 1 100 HIS 100 144 ?   ?   ?   A . n 
# 
loop_
_pdbx_nonpoly_scheme.asym_id 
_pdbx_nonpoly_scheme.entity_id 
_pdbx_nonpoly_scheme.mon_id 
_pdbx_nonpoly_scheme.ndb_seq_num 
_pdbx_nonpoly_scheme.pdb_seq_num 
_pdbx_nonpoly_scheme.auth_seq_num 
_pdbx_nonpoly_scheme.pdb_mon_id 
_pdbx_nonpoly_scheme.auth_mon_id 
_pdbx_nonpoly_scheme.pdb_strand_id 
_pdbx_nonpoly_scheme.pdb_ins_code 
B 2 CIT 1  200 200 CIT CIT A . 
C 3 HOH 1  501 501 HOH HOH A . 
C 3 HOH 2  502 502 HOH HOH A . 
C 3 HOH 3  503 503 HOH HOH A . 
C 3 HOH 4  504 504 HOH HOH A . 
C 3 HOH 5  505 505 HOH HOH A . 
C 3 HOH 6  506 506 HOH HOH A . 
C 3 HOH 7  507 507 HOH HOH A . 
C 3 HOH 8  508 508 HOH HOH A . 
C 3 HOH 9  509 509 HOH HOH A . 
C 3 HOH 10 510 510 HOH HOH A . 
C 3 HOH 11 511 511 HOH HOH A . 
C 3 HOH 12 512 512 HOH HOH A . 
C 3 HOH 13 513 513 HOH HOH A . 
C 3 HOH 14 514 514 HOH HOH A . 
C 3 HOH 15 515 515 HOH HOH A . 
C 3 HOH 16 516 516 HOH HOH A . 
C 3 HOH 17 517 517 HOH HOH A . 
C 3 HOH 18 518 518 HOH HOH A . 
C 3 HOH 19 519 519 HOH HOH A . 
C 3 HOH 20 520 520 HOH HOH A . 
C 3 HOH 21 521 521 HOH HOH A . 
C 3 HOH 22 522 522 HOH HOH A . 
C 3 HOH 23 523 523 HOH HOH A . 
C 3 HOH 24 524 524 HOH HOH A . 
C 3 HOH 25 525 525 HOH HOH A . 
C 3 HOH 26 526 526 HOH HOH A . 
C 3 HOH 27 527 527 HOH HOH A . 
C 3 HOH 28 528 528 HOH HOH A . 
C 3 HOH 29 529 529 HOH HOH A . 
C 3 HOH 30 530 530 HOH HOH A . 
C 3 HOH 31 531 531 HOH HOH A . 
C 3 HOH 32 532 532 HOH HOH A . 
C 3 HOH 33 533 533 HOH HOH A . 
C 3 HOH 34 534 534 HOH HOH A . 
C 3 HOH 35 535 535 HOH HOH A . 
C 3 HOH 36 536 536 HOH HOH A . 
C 3 HOH 37 537 537 HOH HOH A . 
C 3 HOH 38 538 538 HOH HOH A . 
C 3 HOH 39 539 539 HOH HOH A . 
C 3 HOH 40 540 540 HOH HOH A . 
C 3 HOH 41 541 541 HOH HOH A . 
C 3 HOH 42 542 542 HOH HOH A . 
C 3 HOH 43 543 543 HOH HOH A . 
C 3 HOH 44 544 544 HOH HOH A . 
C 3 HOH 45 545 545 HOH HOH A . 
C 3 HOH 46 546 546 HOH HOH A . 
C 3 HOH 47 547 547 HOH HOH A . 
C 3 HOH 48 548 548 HOH HOH A . 
C 3 HOH 49 549 549 HOH HOH A . 
C 3 HOH 50 550 550 HOH HOH A . 
C 3 HOH 51 551 551 HOH HOH A . 
C 3 HOH 52 552 552 HOH HOH A . 
C 3 HOH 53 553 553 HOH HOH A . 
C 3 HOH 54 554 554 HOH HOH A . 
C 3 HOH 55 555 555 HOH HOH A . 
C 3 HOH 56 556 556 HOH HOH A . 
C 3 HOH 57 557 557 HOH HOH A . 
C 3 HOH 58 558 558 HOH HOH A . 
C 3 HOH 59 559 559 HOH HOH A . 
C 3 HOH 60 560 560 HOH HOH A . 
C 3 HOH 61 561 561 HOH HOH A . 
C 3 HOH 62 562 562 HOH HOH A . 
C 3 HOH 63 563 563 HOH HOH A . 
C 3 HOH 64 564 564 HOH HOH A . 
C 3 HOH 65 565 565 HOH HOH A . 
C 3 HOH 66 566 566 HOH HOH A . 
C 3 HOH 67 567 567 HOH HOH A . 
C 3 HOH 68 568 568 HOH HOH A . 
C 3 HOH 69 569 569 HOH HOH A . 
C 3 HOH 70 570 570 HOH HOH A . 
C 3 HOH 71 571 571 HOH HOH A . 
C 3 HOH 72 572 572 HOH HOH A . 
C 3 HOH 73 573 573 HOH HOH A . 
C 3 HOH 74 574 574 HOH HOH A . 
C 3 HOH 75 575 575 HOH HOH A . 
C 3 HOH 76 576 576 HOH HOH A . 
C 3 HOH 77 577 577 HOH HOH A . 
C 3 HOH 78 578 578 HOH HOH A . 
C 3 HOH 79 579 579 HOH HOH A . 
C 3 HOH 80 580 580 HOH HOH A . 
# 
loop_
_pdbx_unobs_or_zero_occ_atoms.id 
_pdbx_unobs_or_zero_occ_atoms.PDB_model_num 
_pdbx_unobs_or_zero_occ_atoms.polymer_flag 
_pdbx_unobs_or_zero_occ_atoms.occupancy_flag 
_pdbx_unobs_or_zero_occ_atoms.auth_asym_id 
_pdbx_unobs_or_zero_occ_atoms.auth_comp_id 
_pdbx_unobs_or_zero_occ_atoms.auth_seq_id 
_pdbx_unobs_or_zero_occ_atoms.PDB_ins_code 
_pdbx_unobs_or_zero_occ_atoms.auth_atom_id 
_pdbx_unobs_or_zero_occ_atoms.label_alt_id 
_pdbx_unobs_or_zero_occ_atoms.label_asym_id 
_pdbx_unobs_or_zero_occ_atoms.label_comp_id 
_pdbx_unobs_or_zero_occ_atoms.label_seq_id 
_pdbx_unobs_or_zero_occ_atoms.label_atom_id 
1 1 Y 1 A PHE 52 ? CB  ? A PHE 8 CB  
2 1 Y 1 A PHE 52 ? CG  ? A PHE 8 CG  
3 1 Y 1 A PHE 52 ? CD1 ? A PHE 8 CD1 
4 1 Y 1 A PHE 52 ? CD2 ? A PHE 8 CD2 
5 1 Y 1 A PHE 52 ? CE1 ? A PHE 8 CE1 
6 1 Y 1 A PHE 52 ? CE2 ? A PHE 8 CE2 
7 1 Y 1 A PHE 52 ? CZ  ? A PHE 8 CZ  
# 
loop_
_software.name 
_software.classification 
_software.version 
_software.citation_id 
_software.pdbx_ordinal 
MAR345dtb 'data collection' .                 ? 1 
PHASER    phasing           .                 ? 2 
PHENIX    refinement        '(phenix.refine)' ? 3 
XDS       'data reduction'  .                 ? 4 
XSCALE    'data scaling'    .                 ? 5 
# 
_cell.entry_id           3F2E 
_cell.length_a           54.410 
_cell.length_b           54.410 
_cell.length_c           77.790 
_cell.angle_alpha        90.00 
_cell.angle_beta         90.00 
_cell.angle_gamma        90.00 
_cell.Z_PDB              8 
_cell.pdbx_unique_axis   ? 
_cell.length_a_esd       ? 
_cell.length_b_esd       ? 
_cell.length_c_esd       ? 
_cell.angle_alpha_esd    ? 
_cell.angle_beta_esd     ? 
_cell.angle_gamma_esd    ? 
# 
_symmetry.entry_id                         3F2E 
_symmetry.space_group_name_H-M             'P 43 21 2' 
_symmetry.pdbx_full_space_group_name_H-M   ? 
_symmetry.cell_setting                     ? 
_symmetry.Int_Tables_number                96 
_symmetry.space_group_name_Hall            ? 
# 
_exptl.entry_id          3F2E 
_exptl.method            'X-RAY DIFFRACTION' 
_exptl.crystals_number   1 
# 
_exptl_crystal.id                    1 
_exptl_crystal.density_meas          ? 
_exptl_crystal.density_Matthews      2.74 
_exptl_crystal.density_percent_sol   55.14 
_exptl_crystal.description           ? 
_exptl_crystal.F_000                 ? 
_exptl_crystal.preparation           ? 
# 
_exptl_crystal_grow.crystal_id      1 
_exptl_crystal_grow.method          'VAPOR DIFFUSION, SITTING DROP' 
_exptl_crystal_grow.temp            299 
_exptl_crystal_grow.temp_details    ? 
_exptl_crystal_grow.pH              ? 
_exptl_crystal_grow.pdbx_details    
;SIRV CP (residues 46-134) at 19 or 30 mg/ml in 20 mM Na MES pH 6.0 was mixed 1:1 with 25% PEG 20,000, 0.1 M Na Citrate pH 3.6, 4-9% sucrose. Crystals were frozen in of 14% PEG 20,000, 50 mM sodium citrate pH 3.6, 15-25% sucrose, VAPOR DIFFUSION, SITTING DROP, temperature 299K
;
_exptl_crystal_grow.pdbx_pH_range   ? 
# 
_diffrn.id                     1 
_diffrn.ambient_temp           173 
_diffrn.ambient_temp_details   ? 
_diffrn.crystal_id             1 
# 
_diffrn_detector.diffrn_id              1 
_diffrn_detector.detector               'IMAGE PLATE' 
_diffrn_detector.type                   'MAR scanner 345 mm plate' 
_diffrn_detector.pdbx_collection_date   2008-08-12 
_diffrn_detector.details                ? 
# 
_diffrn_radiation.diffrn_id                        1 
_diffrn_radiation.wavelength_id                    1 
_diffrn_radiation.pdbx_monochromatic_or_laue_m_l   M 
_diffrn_radiation.monochromator                    ? 
_diffrn_radiation.pdbx_diffrn_protocol             'SINGLE WAVELENGTH' 
_diffrn_radiation.pdbx_scattering_type             x-ray 
# 
_diffrn_radiation_wavelength.id           1 
_diffrn_radiation_wavelength.wavelength   1.542 
_diffrn_radiation_wavelength.wt           1.0 
# 
_diffrn_source.diffrn_id                   1 
_diffrn_source.source                      'ROTATING ANODE' 
_diffrn_source.type                        'RIGAKU FR-D' 
_diffrn_source.pdbx_synchrotron_site       ? 
_diffrn_source.pdbx_synchrotron_beamline   ? 
_diffrn_source.pdbx_wavelength             ? 
_diffrn_source.pdbx_wavelength_list        1.542 
# 
_reflns.entry_id                     3F2E 
_reflns.observed_criterion_sigma_I   -3 
_reflns.observed_criterion_sigma_F   ? 
_reflns.d_resolution_low             44.588 
_reflns.d_resolution_high            1.668 
_reflns.number_obs                   14062 
_reflns.number_all                   ? 
_reflns.percent_possible_obs         99.1 
_reflns.pdbx_Rmerge_I_obs            0.034 
_reflns.pdbx_Rsym_value              0.062 
_reflns.pdbx_netI_over_sigmaI        33.40 
_reflns.B_iso_Wilson_estimate        24.675 
_reflns.pdbx_redundancy              16.8 
_reflns.R_free_details               ? 
_reflns.limit_h_max                  ? 
_reflns.limit_h_min                  ? 
_reflns.limit_k_max                  ? 
_reflns.limit_k_min                  ? 
_reflns.limit_l_max                  ? 
_reflns.limit_l_min                  ? 
_reflns.observed_criterion_F_max     ? 
_reflns.observed_criterion_F_min     ? 
_reflns.pdbx_chi_squared             ? 
_reflns.pdbx_scaling_rejects         ? 
_reflns.pdbx_ordinal                 1 
_reflns.pdbx_diffrn_id               1 
_reflns.pdbx_CC_half                 ? 
_reflns.pdbx_CC_star                 ? 
_reflns.pdbx_Rpim_I_all              ? 
_reflns.pdbx_Rrim_I_all              ? 
# 
_reflns_shell.d_res_high             1.668 
_reflns_shell.d_res_low              1.70 
_reflns_shell.percent_possible_all   94.6 
_reflns_shell.Rmerge_I_obs           0.203 
_reflns_shell.pdbx_Rsym_value        0.371 
_reflns_shell.meanI_over_sigI_obs    8.27 
_reflns_shell.pdbx_redundancy        14.5 
_reflns_shell.percent_possible_obs   ? 
_reflns_shell.number_unique_all      965 
_reflns_shell.number_measured_all    ? 
_reflns_shell.number_measured_obs    ? 
_reflns_shell.number_unique_obs      ? 
_reflns_shell.pdbx_chi_squared       ? 
_reflns_shell.pdbx_ordinal           1 
_reflns_shell.pdbx_diffrn_id         1 
_reflns_shell.pdbx_CC_half           ? 
_reflns_shell.pdbx_CC_star           ? 
_reflns_shell.pdbx_Rpim_I_all        ? 
_reflns_shell.pdbx_Rrim_I_all        ? 
# 
_refine.entry_id                                 3F2E 
_refine.ls_number_reflns_obs                     14055 
_refine.ls_number_reflns_all                     ? 
_refine.pdbx_ls_sigma_I                          ? 
_refine.pdbx_ls_sigma_F                          2.00 
_refine.pdbx_data_cutoff_high_absF               ? 
_refine.pdbx_data_cutoff_low_absF                ? 
_refine.pdbx_data_cutoff_high_rms_absF           ? 
_refine.ls_d_res_low                             31.642 
_refine.ls_d_res_high                            1.668 
_refine.ls_percent_reflns_obs                    99.04 
_refine.ls_R_factor_obs                          0.1846 
_refine.ls_R_factor_all                          ? 
_refine.ls_R_factor_R_work                       0.1837 
_refine.ls_R_factor_R_free                       0.2018 
_refine.ls_R_factor_R_free_error                 ? 
_refine.ls_R_factor_R_free_error_details         ? 
_refine.ls_percent_reflns_R_free                 5.00 
_refine.ls_number_reflns_R_free                  703 
_refine.ls_number_parameters                     ? 
_refine.ls_number_restraints                     ? 
_refine.occupancy_min                            ? 
_refine.occupancy_max                            ? 
_refine.correlation_coeff_Fo_to_Fc               ? 
_refine.correlation_coeff_Fo_to_Fc_free          ? 
_refine.B_iso_mean                               20.5 
_refine.aniso_B[1][1]                            -0.2583 
_refine.aniso_B[2][2]                            -0.2583 
_refine.aniso_B[3][3]                            -5.7740 
_refine.aniso_B[1][2]                            -0.0000 
_refine.aniso_B[1][3]                            -0.0000 
_refine.aniso_B[2][3]                            0.0000 
_refine.solvent_model_details                    'FLAT BULK SOLVENT MODEL' 
_refine.solvent_model_param_ksol                 0.390 
_refine.solvent_model_param_bsol                 49.566 
_refine.pdbx_solvent_vdw_probe_radii             1.11 
_refine.pdbx_solvent_ion_probe_radii             ? 
_refine.pdbx_solvent_shrinkage_radii             0.90 
_refine.pdbx_ls_cross_valid_method               THROUGHOUT 
_refine.details                                  ? 
_refine.pdbx_starting_model                      'CS-Rosetta model' 
_refine.pdbx_method_to_determine_struct          'MOLECULAR REPLACEMENT' 
_refine.pdbx_isotropic_thermal_model             isotropic 
_refine.pdbx_stereochemistry_target_values       ML 
_refine.pdbx_stereochem_target_val_spec_case     ? 
_refine.pdbx_R_Free_selection_details            random 
_refine.pdbx_overall_ESU_R                       ? 
_refine.pdbx_overall_ESU_R_Free                  ? 
_refine.overall_SU_ML                            0.14 
_refine.overall_SU_B                             ? 
_refine.ls_redundancy_reflns_obs                 ? 
_refine.B_iso_min                                ? 
_refine.B_iso_max                                ? 
_refine.overall_SU_R_Cruickshank_DPI             ? 
_refine.overall_SU_R_free                        ? 
_refine.ls_wR_factor_R_free                      ? 
_refine.ls_wR_factor_R_work                      ? 
_refine.overall_FOM_free_R_set                   ? 
_refine.overall_FOM_work_R_set                   ? 
_refine.pdbx_overall_phase_error                 ? 
_refine.pdbx_refine_id                           'X-RAY DIFFRACTION' 
_refine.pdbx_diffrn_id                           1 
_refine.pdbx_TLS_residual_ADP_flag               ? 
_refine.pdbx_overall_SU_R_free_Cruickshank_DPI   ? 
_refine.pdbx_overall_SU_R_Blow_DPI               ? 
_refine.pdbx_overall_SU_R_free_Blow_DPI          ? 
# 
_refine_analyze.entry_id                        3F2E 
_refine_analyze.Luzzati_coordinate_error_obs    0.177 
_refine_analyze.Luzzati_sigma_a_obs             ? 
_refine_analyze.Luzzati_d_res_low_obs           ? 
_refine_analyze.Luzzati_coordinate_error_free   ? 
_refine_analyze.Luzzati_sigma_a_free            ? 
_refine_analyze.Luzzati_d_res_low_free          ? 
_refine_analyze.number_disordered_residues      ? 
_refine_analyze.occupancy_sum_hydrogen          ? 
_refine_analyze.occupancy_sum_non_hydrogen      ? 
_refine_analyze.pdbx_Luzzati_d_res_high_obs     ? 
_refine_analyze.pdbx_refine_id                  'X-RAY DIFFRACTION' 
# 
_refine_hist.pdbx_refine_id                   'X-RAY DIFFRACTION' 
_refine_hist.cycle_id                         LAST 
_refine_hist.pdbx_number_atoms_protein        600 
_refine_hist.pdbx_number_atoms_nucleic_acid   0 
_refine_hist.pdbx_number_atoms_ligand         13 
_refine_hist.number_atoms_solvent             80 
_refine_hist.number_atoms_total               693 
_refine_hist.d_res_high                       1.668 
_refine_hist.d_res_low                        31.642 
# 
loop_
_refine_ls_restr.type 
_refine_ls_restr.dev_ideal 
_refine_ls_restr.dev_ideal_target 
_refine_ls_restr.weight 
_refine_ls_restr.number 
_refine_ls_restr.pdbx_refine_id 
_refine_ls_restr.pdbx_restraint_function 
f_bond_d           0.005  ? ? ? 'X-RAY DIFFRACTION' ? 
f_angle_deg        0.833  ? ? ? 'X-RAY DIFFRACTION' ? 
f_dihedral_angle_d 15.532 ? ? ? 'X-RAY DIFFRACTION' ? 
# 
loop_
_refine_ls_shell.pdbx_total_number_of_bins_used 
_refine_ls_shell.d_res_high 
_refine_ls_shell.d_res_low 
_refine_ls_shell.number_reflns_R_work 
_refine_ls_shell.R_factor_R_work 
_refine_ls_shell.percent_reflns_obs 
_refine_ls_shell.R_factor_R_free 
_refine_ls_shell.R_factor_R_free_error 
_refine_ls_shell.percent_reflns_R_free 
_refine_ls_shell.number_reflns_R_free 
_refine_ls_shell.number_reflns_all 
_refine_ls_shell.R_factor_all 
_refine_ls_shell.number_reflns_obs 
_refine_ls_shell.redundancy_reflns_obs 
_refine_ls_shell.pdbx_refine_id 
_refine_ls_shell.R_factor_obs 
. 1.668  1.7971  2541 0.1830 97.00  0.2313 . . 134 . . 2541 . 'X-RAY DIFFRACTION' . 
. 1.7971 1.9779  2623 0.1753 99.00  0.1954 . . 138 . . 2623 . 'X-RAY DIFFRACTION' . 
. 1.9779 2.2641  2657 0.1639 100.00 0.1778 . . 140 . . 2657 . 'X-RAY DIFFRACTION' . 
. 2.2641 2.8522  2691 0.1792 100.00 0.1771 . . 142 . . 2691 . 'X-RAY DIFFRACTION' . 
. 2.8522 31.6474 2840 0.1870 100.00 0.2184 . . 149 . . 2840 . 'X-RAY DIFFRACTION' . 
# 
_struct.entry_id                  3F2E 
_struct.title                     'Crystal structure of Yellowstone SIRV coat protein C-terminus' 
_struct.pdbx_model_details        ? 
_struct.pdbx_CASP_flag            ? 
_struct.pdbx_model_type_details   ? 
# 
_struct_keywords.entry_id        3F2E 
_struct_keywords.pdbx_keywords   'VIRAL PROTEIN' 
_struct_keywords.text            'four helix bundle, virus coat protein, VIRAL PROTEIN' 
# 
loop_
_struct_asym.id 
_struct_asym.pdbx_blank_PDB_chainid_flag 
_struct_asym.pdbx_modified 
_struct_asym.entity_id 
_struct_asym.details 
A N N 1 ? 
B N N 2 ? 
C N N 3 ? 
# 
_struct_ref.id                         1 
_struct_ref.db_name                    PDB 
_struct_ref.db_code                    3F2E 
_struct_ref.pdbx_db_accession          3F2E 
_struct_ref.entity_id                  1 
_struct_ref.pdbx_align_begin           ? 
_struct_ref.pdbx_seq_one_letter_code   ? 
_struct_ref.pdbx_db_isoform            ? 
# 
_struct_ref_seq.align_id                      1 
_struct_ref_seq.ref_id                        1 
_struct_ref_seq.pdbx_PDB_id_code              3F2E 
_struct_ref_seq.pdbx_strand_id                A 
_struct_ref_seq.seq_align_beg                 1 
_struct_ref_seq.pdbx_seq_align_beg_ins_code   ? 
_struct_ref_seq.seq_align_end                 100 
_struct_ref_seq.pdbx_seq_align_end_ins_code   ? 
_struct_ref_seq.pdbx_db_accession             3F2E 
_struct_ref_seq.db_align_beg                  45 
_struct_ref_seq.pdbx_db_align_beg_ins_code    ? 
_struct_ref_seq.db_align_end                  144 
_struct_ref_seq.pdbx_db_align_end_ins_code    ? 
_struct_ref_seq.pdbx_auth_seq_align_beg       45 
_struct_ref_seq.pdbx_auth_seq_align_end       144 
# 
_pdbx_struct_assembly.id                   1 
_pdbx_struct_assembly.details              author_and_software_defined_assembly 
_pdbx_struct_assembly.method_details       PISA 
_pdbx_struct_assembly.oligomeric_details   monomeric 
_pdbx_struct_assembly.oligomeric_count     1 
# 
_pdbx_struct_assembly_gen.assembly_id       1 
_pdbx_struct_assembly_gen.oper_expression   1 
_pdbx_struct_assembly_gen.asym_id_list      A,B,C 
# 
_pdbx_struct_oper_list.id                   1 
_pdbx_struct_oper_list.type                 'identity operation' 
_pdbx_struct_oper_list.name                 1_555 
_pdbx_struct_oper_list.symmetry_operation   x,y,z 
_pdbx_struct_oper_list.matrix[1][1]         1.0000000000 
_pdbx_struct_oper_list.matrix[1][2]         0.0000000000 
_pdbx_struct_oper_list.matrix[1][3]         0.0000000000 
_pdbx_struct_oper_list.vector[1]            0.0000000000 
_pdbx_struct_oper_list.matrix[2][1]         0.0000000000 
_pdbx_struct_oper_list.matrix[2][2]         1.0000000000 
_pdbx_struct_oper_list.matrix[2][3]         0.0000000000 
_pdbx_struct_oper_list.vector[2]            0.0000000000 
_pdbx_struct_oper_list.matrix[3][1]         0.0000000000 
_pdbx_struct_oper_list.matrix[3][2]         0.0000000000 
_pdbx_struct_oper_list.matrix[3][3]         1.0000000000 
_pdbx_struct_oper_list.vector[3]            0.0000000000 
# 
loop_
_struct_conf.conf_type_id 
_struct_conf.id 
_struct_conf.pdbx_PDB_helix_id 
_struct_conf.beg_label_comp_id 
_struct_conf.beg_label_asym_id 
_struct_conf.beg_label_seq_id 
_struct_conf.pdbx_beg_PDB_ins_code 
_struct_conf.end_label_comp_id 
_struct_conf.end_label_asym_id 
_struct_conf.end_label_seq_id 
_struct_conf.pdbx_end_PDB_ins_code 
_struct_conf.beg_auth_comp_id 
_struct_conf.beg_auth_asym_id 
_struct_conf.beg_auth_seq_id 
_struct_conf.end_auth_comp_id 
_struct_conf.end_auth_asym_id 
_struct_conf.end_auth_seq_id 
_struct_conf.pdbx_PDB_helix_class 
_struct_conf.details 
_struct_conf.pdbx_PDB_helix_length 
HELX_P HELX_P1 1 THR A 9  ? TYR A 22 ? THR A 53  TYR A 66  1 ? 14 
HELX_P HELX_P2 2 ASN A 28 ? LEU A 46 ? ASN A 72  LEU A 90  1 ? 19 
HELX_P HELX_P3 3 PRO A 50 ? PHE A 67 ? PRO A 94  PHE A 111 1 ? 18 
HELX_P HELX_P4 4 PRO A 71 ? THR A 82 ? PRO A 115 THR A 126 1 ? 12 
# 
_struct_conf_type.id          HELX_P 
_struct_conf_type.criteria    ? 
_struct_conf_type.reference   ? 
# 
_struct_site.id                   AC1 
_struct_site.pdbx_evidence_code   Software 
_struct_site.pdbx_auth_asym_id    A 
_struct_site.pdbx_auth_comp_id    CIT 
_struct_site.pdbx_auth_seq_id     200 
_struct_site.pdbx_auth_ins_code   ? 
_struct_site.pdbx_num_residues    7 
_struct_site.details              'BINDING SITE FOR RESIDUE CIT A 200' 
# 
loop_
_struct_site_gen.id 
_struct_site_gen.site_id 
_struct_site_gen.pdbx_num_res 
_struct_site_gen.label_comp_id 
_struct_site_gen.label_asym_id 
_struct_site_gen.label_seq_id 
_struct_site_gen.pdbx_auth_ins_code 
_struct_site_gen.auth_comp_id 
_struct_site_gen.auth_asym_id 
_struct_site_gen.auth_seq_id 
_struct_site_gen.label_atom_id 
_struct_site_gen.label_alt_id 
_struct_site_gen.symmetry 
_struct_site_gen.details 
1 AC1 7 LYS A 38 ? LYS A 82  . ? 8_665 ? 
2 AC1 7 LYS A 38 ? LYS A 82  . ? 1_555 ? 
3 AC1 7 ARG A 41 ? ARG A 85  . ? 1_555 ? 
4 AC1 7 ALA A 42 ? ALA A 86  . ? 1_555 ? 
5 AC1 7 TYR A 62 ? TYR A 106 . ? 8_665 ? 
6 AC1 7 TYR A 63 ? TYR A 107 . ? 8_665 ? 
7 AC1 7 PHE A 67 ? PHE A 111 . ? 8_665 ? 
# 
loop_
_pdbx_unobs_or_zero_occ_residues.id 
_pdbx_unobs_or_zero_occ_residues.PDB_model_num 
_pdbx_unobs_or_zero_occ_residues.polymer_flag 
_pdbx_unobs_or_zero_occ_residues.occupancy_flag 
_pdbx_unobs_or_zero_occ_residues.auth_asym_id 
_pdbx_unobs_or_zero_occ_residues.auth_comp_id 
_pdbx_unobs_or_zero_occ_residues.auth_seq_id 
_pdbx_unobs_or_zero_occ_residues.PDB_ins_code 
_pdbx_unobs_or_zero_occ_residues.label_asym_id 
_pdbx_unobs_or_zero_occ_residues.label_comp_id 
_pdbx_unobs_or_zero_occ_residues.label_seq_id 
1  1 Y 1 A MET 45  ? A MET 1   
2  1 Y 1 A GLN 46  ? A GLN 2   
3  1 Y 1 A THR 47  ? A THR 3   
4  1 Y 1 A ASN 48  ? A ASN 4   
5  1 Y 1 A VAL 49  ? A VAL 5   
6  1 Y 1 A PRO 50  ? A PRO 6   
7  1 Y 1 A LYS 51  ? A LYS 7   
8  1 Y 1 A GLY 135 ? A GLY 91  
9  1 Y 1 A GLY 136 ? A GLY 92  
10 1 Y 1 A SER 137 ? A SER 93  
11 1 Y 1 A GLY 138 ? A GLY 94  
12 1 Y 1 A HIS 139 ? A HIS 95  
13 1 Y 1 A HIS 140 ? A HIS 96  
14 1 Y 1 A HIS 141 ? A HIS 97  
15 1 Y 1 A HIS 142 ? A HIS 98  
16 1 Y 1 A HIS 143 ? A HIS 99  
17 1 Y 1 A HIS 144 ? A HIS 100 
# 
loop_
_chem_comp_atom.comp_id 
_chem_comp_atom.atom_id 
_chem_comp_atom.type_symbol 
_chem_comp_atom.pdbx_aromatic_flag 
_chem_comp_atom.pdbx_stereo_config 
_chem_comp_atom.pdbx_ordinal 
ALA N    N N N 1   
ALA CA   C N S 2   
ALA C    C N N 3   
ALA O    O N N 4   
ALA CB   C N N 5   
ALA OXT  O N N 6   
ALA H    H N N 7   
ALA H2   H N N 8   
ALA HA   H N N 9   
ALA HB1  H N N 10  
ALA HB2  H N N 11  
ALA HB3  H N N 12  
ALA HXT  H N N 13  
ARG N    N N N 14  
ARG CA   C N S 15  
ARG C    C N N 16  
ARG O    O N N 17  
ARG CB   C N N 18  
ARG CG   C N N 19  
ARG CD   C N N 20  
ARG NE   N N N 21  
ARG CZ   C N N 22  
ARG NH1  N N N 23  
ARG NH2  N N N 24  
ARG OXT  O N N 25  
ARG H    H N N 26  
ARG H2   H N N 27  
ARG HA   H N N 28  
ARG HB2  H N N 29  
ARG HB3  H N N 30  
ARG HG2  H N N 31  
ARG HG3  H N N 32  
ARG HD2  H N N 33  
ARG HD3  H N N 34  
ARG HE   H N N 35  
ARG HH11 H N N 36  
ARG HH12 H N N 37  
ARG HH21 H N N 38  
ARG HH22 H N N 39  
ARG HXT  H N N 40  
ASN N    N N N 41  
ASN CA   C N S 42  
ASN C    C N N 43  
ASN O    O N N 44  
ASN CB   C N N 45  
ASN CG   C N N 46  
ASN OD1  O N N 47  
ASN ND2  N N N 48  
ASN OXT  O N N 49  
ASN H    H N N 50  
ASN H2   H N N 51  
ASN HA   H N N 52  
ASN HB2  H N N 53  
ASN HB3  H N N 54  
ASN HD21 H N N 55  
ASN HD22 H N N 56  
ASN HXT  H N N 57  
ASP N    N N N 58  
ASP CA   C N S 59  
ASP C    C N N 60  
ASP O    O N N 61  
ASP CB   C N N 62  
ASP CG   C N N 63  
ASP OD1  O N N 64  
ASP OD2  O N N 65  
ASP OXT  O N N 66  
ASP H    H N N 67  
ASP H2   H N N 68  
ASP HA   H N N 69  
ASP HB2  H N N 70  
ASP HB3  H N N 71  
ASP HD2  H N N 72  
ASP HXT  H N N 73  
CIT C1   C N N 74  
CIT O1   O N N 75  
CIT O2   O N N 76  
CIT C2   C N N 77  
CIT C3   C N N 78  
CIT O7   O N N 79  
CIT C4   C N N 80  
CIT C5   C N N 81  
CIT O3   O N N 82  
CIT O4   O N N 83  
CIT C6   C N N 84  
CIT O5   O N N 85  
CIT O6   O N N 86  
CIT HO2  H N N 87  
CIT H21  H N N 88  
CIT H22  H N N 89  
CIT HO7  H N N 90  
CIT H41  H N N 91  
CIT H42  H N N 92  
CIT HO4  H N N 93  
CIT HO6  H N N 94  
GLN N    N N N 95  
GLN CA   C N S 96  
GLN C    C N N 97  
GLN O    O N N 98  
GLN CB   C N N 99  
GLN CG   C N N 100 
GLN CD   C N N 101 
GLN OE1  O N N 102 
GLN NE2  N N N 103 
GLN OXT  O N N 104 
GLN H    H N N 105 
GLN H2   H N N 106 
GLN HA   H N N 107 
GLN HB2  H N N 108 
GLN HB3  H N N 109 
GLN HG2  H N N 110 
GLN HG3  H N N 111 
GLN HE21 H N N 112 
GLN HE22 H N N 113 
GLN HXT  H N N 114 
GLU N    N N N 115 
GLU CA   C N S 116 
GLU C    C N N 117 
GLU O    O N N 118 
GLU CB   C N N 119 
GLU CG   C N N 120 
GLU CD   C N N 121 
GLU OE1  O N N 122 
GLU OE2  O N N 123 
GLU OXT  O N N 124 
GLU H    H N N 125 
GLU H2   H N N 126 
GLU HA   H N N 127 
GLU HB2  H N N 128 
GLU HB3  H N N 129 
GLU HG2  H N N 130 
GLU HG3  H N N 131 
GLU HE2  H N N 132 
GLU HXT  H N N 133 
GLY N    N N N 134 
GLY CA   C N N 135 
GLY C    C N N 136 
GLY O    O N N 137 
GLY OXT  O N N 138 
GLY H    H N N 139 
GLY H2   H N N 140 
GLY HA2  H N N 141 
GLY HA3  H N N 142 
GLY HXT  H N N 143 
HIS N    N N N 144 
HIS CA   C N S 145 
HIS C    C N N 146 
HIS O    O N N 147 
HIS CB   C N N 148 
HIS CG   C Y N 149 
HIS ND1  N Y N 150 
HIS CD2  C Y N 151 
HIS CE1  C Y N 152 
HIS NE2  N Y N 153 
HIS OXT  O N N 154 
HIS H    H N N 155 
HIS H2   H N N 156 
HIS HA   H N N 157 
HIS HB2  H N N 158 
HIS HB3  H N N 159 
HIS HD1  H N N 160 
HIS HD2  H N N 161 
HIS HE1  H N N 162 
HIS HE2  H N N 163 
HIS HXT  H N N 164 
HOH O    O N N 165 
HOH H1   H N N 166 
HOH H2   H N N 167 
ILE N    N N N 168 
ILE CA   C N S 169 
ILE C    C N N 170 
ILE O    O N N 171 
ILE CB   C N S 172 
ILE CG1  C N N 173 
ILE CG2  C N N 174 
ILE CD1  C N N 175 
ILE OXT  O N N 176 
ILE H    H N N 177 
ILE H2   H N N 178 
ILE HA   H N N 179 
ILE HB   H N N 180 
ILE HG12 H N N 181 
ILE HG13 H N N 182 
ILE HG21 H N N 183 
ILE HG22 H N N 184 
ILE HG23 H N N 185 
ILE HD11 H N N 186 
ILE HD12 H N N 187 
ILE HD13 H N N 188 
ILE HXT  H N N 189 
LEU N    N N N 190 
LEU CA   C N S 191 
LEU C    C N N 192 
LEU O    O N N 193 
LEU CB   C N N 194 
LEU CG   C N N 195 
LEU CD1  C N N 196 
LEU CD2  C N N 197 
LEU OXT  O N N 198 
LEU H    H N N 199 
LEU H2   H N N 200 
LEU HA   H N N 201 
LEU HB2  H N N 202 
LEU HB3  H N N 203 
LEU HG   H N N 204 
LEU HD11 H N N 205 
LEU HD12 H N N 206 
LEU HD13 H N N 207 
LEU HD21 H N N 208 
LEU HD22 H N N 209 
LEU HD23 H N N 210 
LEU HXT  H N N 211 
LYS N    N N N 212 
LYS CA   C N S 213 
LYS C    C N N 214 
LYS O    O N N 215 
LYS CB   C N N 216 
LYS CG   C N N 217 
LYS CD   C N N 218 
LYS CE   C N N 219 
LYS NZ   N N N 220 
LYS OXT  O N N 221 
LYS H    H N N 222 
LYS H2   H N N 223 
LYS HA   H N N 224 
LYS HB2  H N N 225 
LYS HB3  H N N 226 
LYS HG2  H N N 227 
LYS HG3  H N N 228 
LYS HD2  H N N 229 
LYS HD3  H N N 230 
LYS HE2  H N N 231 
LYS HE3  H N N 232 
LYS HZ1  H N N 233 
LYS HZ2  H N N 234 
LYS HZ3  H N N 235 
LYS HXT  H N N 236 
MET N    N N N 237 
MET CA   C N S 238 
MET C    C N N 239 
MET O    O N N 240 
MET CB   C N N 241 
MET CG   C N N 242 
MET SD   S N N 243 
MET CE   C N N 244 
MET OXT  O N N 245 
MET H    H N N 246 
MET H2   H N N 247 
MET HA   H N N 248 
MET HB2  H N N 249 
MET HB3  H N N 250 
MET HG2  H N N 251 
MET HG3  H N N 252 
MET HE1  H N N 253 
MET HE2  H N N 254 
MET HE3  H N N 255 
MET HXT  H N N 256 
PHE N    N N N 257 
PHE CA   C N S 258 
PHE C    C N N 259 
PHE O    O N N 260 
PHE CB   C N N 261 
PHE CG   C Y N 262 
PHE CD1  C Y N 263 
PHE CD2  C Y N 264 
PHE CE1  C Y N 265 
PHE CE2  C Y N 266 
PHE CZ   C Y N 267 
PHE OXT  O N N 268 
PHE H    H N N 269 
PHE H2   H N N 270 
PHE HA   H N N 271 
PHE HB2  H N N 272 
PHE HB3  H N N 273 
PHE HD1  H N N 274 
PHE HD2  H N N 275 
PHE HE1  H N N 276 
PHE HE2  H N N 277 
PHE HZ   H N N 278 
PHE HXT  H N N 279 
PRO N    N N N 280 
PRO CA   C N S 281 
PRO C    C N N 282 
PRO O    O N N 283 
PRO CB   C N N 284 
PRO CG   C N N 285 
PRO CD   C N N 286 
PRO OXT  O N N 287 
PRO H    H N N 288 
PRO HA   H N N 289 
PRO HB2  H N N 290 
PRO HB3  H N N 291 
PRO HG2  H N N 292 
PRO HG3  H N N 293 
PRO HD2  H N N 294 
PRO HD3  H N N 295 
PRO HXT  H N N 296 
SER N    N N N 297 
SER CA   C N S 298 
SER C    C N N 299 
SER O    O N N 300 
SER CB   C N N 301 
SER OG   O N N 302 
SER OXT  O N N 303 
SER H    H N N 304 
SER H2   H N N 305 
SER HA   H N N 306 
SER HB2  H N N 307 
SER HB3  H N N 308 
SER HG   H N N 309 
SER HXT  H N N 310 
THR N    N N N 311 
THR CA   C N S 312 
THR C    C N N 313 
THR O    O N N 314 
THR CB   C N R 315 
THR OG1  O N N 316 
THR CG2  C N N 317 
THR OXT  O N N 318 
THR H    H N N 319 
THR H2   H N N 320 
THR HA   H N N 321 
THR HB   H N N 322 
THR HG1  H N N 323 
THR HG21 H N N 324 
THR HG22 H N N 325 
THR HG23 H N N 326 
THR HXT  H N N 327 
TYR N    N N N 328 
TYR CA   C N S 329 
TYR C    C N N 330 
TYR O    O N N 331 
TYR CB   C N N 332 
TYR CG   C Y N 333 
TYR CD1  C Y N 334 
TYR CD2  C Y N 335 
TYR CE1  C Y N 336 
TYR CE2  C Y N 337 
TYR CZ   C Y N 338 
TYR OH   O N N 339 
TYR OXT  O N N 340 
TYR H    H N N 341 
TYR H2   H N N 342 
TYR HA   H N N 343 
TYR HB2  H N N 344 
TYR HB3  H N N 345 
TYR HD1  H N N 346 
TYR HD2  H N N 347 
TYR HE1  H N N 348 
TYR HE2  H N N 349 
TYR HH   H N N 350 
TYR HXT  H N N 351 
VAL N    N N N 352 
VAL CA   C N S 353 
VAL C    C N N 354 
VAL O    O N N 355 
VAL CB   C N N 356 
VAL CG1  C N N 357 
VAL CG2  C N N 358 
VAL OXT  O N N 359 
VAL H    H N N 360 
VAL H2   H N N 361 
VAL HA   H N N 362 
VAL HB   H N N 363 
VAL HG11 H N N 364 
VAL HG12 H N N 365 
VAL HG13 H N N 366 
VAL HG21 H N N 367 
VAL HG22 H N N 368 
VAL HG23 H N N 369 
VAL HXT  H N N 370 
# 
loop_
_chem_comp_bond.comp_id 
_chem_comp_bond.atom_id_1 
_chem_comp_bond.atom_id_2 
_chem_comp_bond.value_order 
_chem_comp_bond.pdbx_aromatic_flag 
_chem_comp_bond.pdbx_stereo_config 
_chem_comp_bond.pdbx_ordinal 
ALA N   CA   sing N N 1   
ALA N   H    sing N N 2   
ALA N   H2   sing N N 3   
ALA CA  C    sing N N 4   
ALA CA  CB   sing N N 5   
ALA CA  HA   sing N N 6   
ALA C   O    doub N N 7   
ALA C   OXT  sing N N 8   
ALA CB  HB1  sing N N 9   
ALA CB  HB2  sing N N 10  
ALA CB  HB3  sing N N 11  
ALA OXT HXT  sing N N 12  
ARG N   CA   sing N N 13  
ARG N   H    sing N N 14  
ARG N   H2   sing N N 15  
ARG CA  C    sing N N 16  
ARG CA  CB   sing N N 17  
ARG CA  HA   sing N N 18  
ARG C   O    doub N N 19  
ARG C   OXT  sing N N 20  
ARG CB  CG   sing N N 21  
ARG CB  HB2  sing N N 22  
ARG CB  HB3  sing N N 23  
ARG CG  CD   sing N N 24  
ARG CG  HG2  sing N N 25  
ARG CG  HG3  sing N N 26  
ARG CD  NE   sing N N 27  
ARG CD  HD2  sing N N 28  
ARG CD  HD3  sing N N 29  
ARG NE  CZ   sing N N 30  
ARG NE  HE   sing N N 31  
ARG CZ  NH1  sing N N 32  
ARG CZ  NH2  doub N N 33  
ARG NH1 HH11 sing N N 34  
ARG NH1 HH12 sing N N 35  
ARG NH2 HH21 sing N N 36  
ARG NH2 HH22 sing N N 37  
ARG OXT HXT  sing N N 38  
ASN N   CA   sing N N 39  
ASN N   H    sing N N 40  
ASN N   H2   sing N N 41  
ASN CA  C    sing N N 42  
ASN CA  CB   sing N N 43  
ASN CA  HA   sing N N 44  
ASN C   O    doub N N 45  
ASN C   OXT  sing N N 46  
ASN CB  CG   sing N N 47  
ASN CB  HB2  sing N N 48  
ASN CB  HB3  sing N N 49  
ASN CG  OD1  doub N N 50  
ASN CG  ND2  sing N N 51  
ASN ND2 HD21 sing N N 52  
ASN ND2 HD22 sing N N 53  
ASN OXT HXT  sing N N 54  
ASP N   CA   sing N N 55  
ASP N   H    sing N N 56  
ASP N   H2   sing N N 57  
ASP CA  C    sing N N 58  
ASP CA  CB   sing N N 59  
ASP CA  HA   sing N N 60  
ASP C   O    doub N N 61  
ASP C   OXT  sing N N 62  
ASP CB  CG   sing N N 63  
ASP CB  HB2  sing N N 64  
ASP CB  HB3  sing N N 65  
ASP CG  OD1  doub N N 66  
ASP CG  OD2  sing N N 67  
ASP OD2 HD2  sing N N 68  
ASP OXT HXT  sing N N 69  
CIT C1  O1   doub N N 70  
CIT C1  O2   sing N N 71  
CIT C1  C2   sing N N 72  
CIT O2  HO2  sing N N 73  
CIT C2  C3   sing N N 74  
CIT C2  H21  sing N N 75  
CIT C2  H22  sing N N 76  
CIT C3  O7   sing N N 77  
CIT C3  C4   sing N N 78  
CIT C3  C6   sing N N 79  
CIT O7  HO7  sing N N 80  
CIT C4  C5   sing N N 81  
CIT C4  H41  sing N N 82  
CIT C4  H42  sing N N 83  
CIT C5  O3   doub N N 84  
CIT C5  O4   sing N N 85  
CIT O4  HO4  sing N N 86  
CIT C6  O5   doub N N 87  
CIT C6  O6   sing N N 88  
CIT O6  HO6  sing N N 89  
GLN N   CA   sing N N 90  
GLN N   H    sing N N 91  
GLN N   H2   sing N N 92  
GLN CA  C    sing N N 93  
GLN CA  CB   sing N N 94  
GLN CA  HA   sing N N 95  
GLN C   O    doub N N 96  
GLN C   OXT  sing N N 97  
GLN CB  CG   sing N N 98  
GLN CB  HB2  sing N N 99  
GLN CB  HB3  sing N N 100 
GLN CG  CD   sing N N 101 
GLN CG  HG2  sing N N 102 
GLN CG  HG3  sing N N 103 
GLN CD  OE1  doub N N 104 
GLN CD  NE2  sing N N 105 
GLN NE2 HE21 sing N N 106 
GLN NE2 HE22 sing N N 107 
GLN OXT HXT  sing N N 108 
GLU N   CA   sing N N 109 
GLU N   H    sing N N 110 
GLU N   H2   sing N N 111 
GLU CA  C    sing N N 112 
GLU CA  CB   sing N N 113 
GLU CA  HA   sing N N 114 
GLU C   O    doub N N 115 
GLU C   OXT  sing N N 116 
GLU CB  CG   sing N N 117 
GLU CB  HB2  sing N N 118 
GLU CB  HB3  sing N N 119 
GLU CG  CD   sing N N 120 
GLU CG  HG2  sing N N 121 
GLU CG  HG3  sing N N 122 
GLU CD  OE1  doub N N 123 
GLU CD  OE2  sing N N 124 
GLU OE2 HE2  sing N N 125 
GLU OXT HXT  sing N N 126 
GLY N   CA   sing N N 127 
GLY N   H    sing N N 128 
GLY N   H2   sing N N 129 
GLY CA  C    sing N N 130 
GLY CA  HA2  sing N N 131 
GLY CA  HA3  sing N N 132 
GLY C   O    doub N N 133 
GLY C   OXT  sing N N 134 
GLY OXT HXT  sing N N 135 
HIS N   CA   sing N N 136 
HIS N   H    sing N N 137 
HIS N   H2   sing N N 138 
HIS CA  C    sing N N 139 
HIS CA  CB   sing N N 140 
HIS CA  HA   sing N N 141 
HIS C   O    doub N N 142 
HIS C   OXT  sing N N 143 
HIS CB  CG   sing N N 144 
HIS CB  HB2  sing N N 145 
HIS CB  HB3  sing N N 146 
HIS CG  ND1  sing Y N 147 
HIS CG  CD2  doub Y N 148 
HIS ND1 CE1  doub Y N 149 
HIS ND1 HD1  sing N N 150 
HIS CD2 NE2  sing Y N 151 
HIS CD2 HD2  sing N N 152 
HIS CE1 NE2  sing Y N 153 
HIS CE1 HE1  sing N N 154 
HIS NE2 HE2  sing N N 155 
HIS OXT HXT  sing N N 156 
HOH O   H1   sing N N 157 
HOH O   H2   sing N N 158 
ILE N   CA   sing N N 159 
ILE N   H    sing N N 160 
ILE N   H2   sing N N 161 
ILE CA  C    sing N N 162 
ILE CA  CB   sing N N 163 
ILE CA  HA   sing N N 164 
ILE C   O    doub N N 165 
ILE C   OXT  sing N N 166 
ILE CB  CG1  sing N N 167 
ILE CB  CG2  sing N N 168 
ILE CB  HB   sing N N 169 
ILE CG1 CD1  sing N N 170 
ILE CG1 HG12 sing N N 171 
ILE CG1 HG13 sing N N 172 
ILE CG2 HG21 sing N N 173 
ILE CG2 HG22 sing N N 174 
ILE CG2 HG23 sing N N 175 
ILE CD1 HD11 sing N N 176 
ILE CD1 HD12 sing N N 177 
ILE CD1 HD13 sing N N 178 
ILE OXT HXT  sing N N 179 
LEU N   CA   sing N N 180 
LEU N   H    sing N N 181 
LEU N   H2   sing N N 182 
LEU CA  C    sing N N 183 
LEU CA  CB   sing N N 184 
LEU CA  HA   sing N N 185 
LEU C   O    doub N N 186 
LEU C   OXT  sing N N 187 
LEU CB  CG   sing N N 188 
LEU CB  HB2  sing N N 189 
LEU CB  HB3  sing N N 190 
LEU CG  CD1  sing N N 191 
LEU CG  CD2  sing N N 192 
LEU CG  HG   sing N N 193 
LEU CD1 HD11 sing N N 194 
LEU CD1 HD12 sing N N 195 
LEU CD1 HD13 sing N N 196 
LEU CD2 HD21 sing N N 197 
LEU CD2 HD22 sing N N 198 
LEU CD2 HD23 sing N N 199 
LEU OXT HXT  sing N N 200 
LYS N   CA   sing N N 201 
LYS N   H    sing N N 202 
LYS N   H2   sing N N 203 
LYS CA  C    sing N N 204 
LYS CA  CB   sing N N 205 
LYS CA  HA   sing N N 206 
LYS C   O    doub N N 207 
LYS C   OXT  sing N N 208 
LYS CB  CG   sing N N 209 
LYS CB  HB2  sing N N 210 
LYS CB  HB3  sing N N 211 
LYS CG  CD   sing N N 212 
LYS CG  HG2  sing N N 213 
LYS CG  HG3  sing N N 214 
LYS CD  CE   sing N N 215 
LYS CD  HD2  sing N N 216 
LYS CD  HD3  sing N N 217 
LYS CE  NZ   sing N N 218 
LYS CE  HE2  sing N N 219 
LYS CE  HE3  sing N N 220 
LYS NZ  HZ1  sing N N 221 
LYS NZ  HZ2  sing N N 222 
LYS NZ  HZ3  sing N N 223 
LYS OXT HXT  sing N N 224 
MET N   CA   sing N N 225 
MET N   H    sing N N 226 
MET N   H2   sing N N 227 
MET CA  C    sing N N 228 
MET CA  CB   sing N N 229 
MET CA  HA   sing N N 230 
MET C   O    doub N N 231 
MET C   OXT  sing N N 232 
MET CB  CG   sing N N 233 
MET CB  HB2  sing N N 234 
MET CB  HB3  sing N N 235 
MET CG  SD   sing N N 236 
MET CG  HG2  sing N N 237 
MET CG  HG3  sing N N 238 
MET SD  CE   sing N N 239 
MET CE  HE1  sing N N 240 
MET CE  HE2  sing N N 241 
MET CE  HE3  sing N N 242 
MET OXT HXT  sing N N 243 
PHE N   CA   sing N N 244 
PHE N   H    sing N N 245 
PHE N   H2   sing N N 246 
PHE CA  C    sing N N 247 
PHE CA  CB   sing N N 248 
PHE CA  HA   sing N N 249 
PHE C   O    doub N N 250 
PHE C   OXT  sing N N 251 
PHE CB  CG   sing N N 252 
PHE CB  HB2  sing N N 253 
PHE CB  HB3  sing N N 254 
PHE CG  CD1  doub Y N 255 
PHE CG  CD2  sing Y N 256 
PHE CD1 CE1  sing Y N 257 
PHE CD1 HD1  sing N N 258 
PHE CD2 CE2  doub Y N 259 
PHE CD2 HD2  sing N N 260 
PHE CE1 CZ   doub Y N 261 
PHE CE1 HE1  sing N N 262 
PHE CE2 CZ   sing Y N 263 
PHE CE2 HE2  sing N N 264 
PHE CZ  HZ   sing N N 265 
PHE OXT HXT  sing N N 266 
PRO N   CA   sing N N 267 
PRO N   CD   sing N N 268 
PRO N   H    sing N N 269 
PRO CA  C    sing N N 270 
PRO CA  CB   sing N N 271 
PRO CA  HA   sing N N 272 
PRO C   O    doub N N 273 
PRO C   OXT  sing N N 274 
PRO CB  CG   sing N N 275 
PRO CB  HB2  sing N N 276 
PRO CB  HB3  sing N N 277 
PRO CG  CD   sing N N 278 
PRO CG  HG2  sing N N 279 
PRO CG  HG3  sing N N 280 
PRO CD  HD2  sing N N 281 
PRO CD  HD3  sing N N 282 
PRO OXT HXT  sing N N 283 
SER N   CA   sing N N 284 
SER N   H    sing N N 285 
SER N   H2   sing N N 286 
SER CA  C    sing N N 287 
SER CA  CB   sing N N 288 
SER CA  HA   sing N N 289 
SER C   O    doub N N 290 
SER C   OXT  sing N N 291 
SER CB  OG   sing N N 292 
SER CB  HB2  sing N N 293 
SER CB  HB3  sing N N 294 
SER OG  HG   sing N N 295 
SER OXT HXT  sing N N 296 
THR N   CA   sing N N 297 
THR N   H    sing N N 298 
THR N   H2   sing N N 299 
THR CA  C    sing N N 300 
THR CA  CB   sing N N 301 
THR CA  HA   sing N N 302 
THR C   O    doub N N 303 
THR C   OXT  sing N N 304 
THR CB  OG1  sing N N 305 
THR CB  CG2  sing N N 306 
THR CB  HB   sing N N 307 
THR OG1 HG1  sing N N 308 
THR CG2 HG21 sing N N 309 
THR CG2 HG22 sing N N 310 
THR CG2 HG23 sing N N 311 
THR OXT HXT  sing N N 312 
TYR N   CA   sing N N 313 
TYR N   H    sing N N 314 
TYR N   H2   sing N N 315 
TYR CA  C    sing N N 316 
TYR CA  CB   sing N N 317 
TYR CA  HA   sing N N 318 
TYR C   O    doub N N 319 
TYR C   OXT  sing N N 320 
TYR CB  CG   sing N N 321 
TYR CB  HB2  sing N N 322 
TYR CB  HB3  sing N N 323 
TYR CG  CD1  doub Y N 324 
TYR CG  CD2  sing Y N 325 
TYR CD1 CE1  sing Y N 326 
TYR CD1 HD1  sing N N 327 
TYR CD2 CE2  doub Y N 328 
TYR CD2 HD2  sing N N 329 
TYR CE1 CZ   doub Y N 330 
TYR CE1 HE1  sing N N 331 
TYR CE2 CZ   sing Y N 332 
TYR CE2 HE2  sing N N 333 
TYR CZ  OH   sing N N 334 
TYR OH  HH   sing N N 335 
TYR OXT HXT  sing N N 336 
VAL N   CA   sing N N 337 
VAL N   H    sing N N 338 
VAL N   H2   sing N N 339 
VAL CA  C    sing N N 340 
VAL CA  CB   sing N N 341 
VAL CA  HA   sing N N 342 
VAL C   O    doub N N 343 
VAL C   OXT  sing N N 344 
VAL CB  CG1  sing N N 345 
VAL CB  CG2  sing N N 346 
VAL CB  HB   sing N N 347 
VAL CG1 HG11 sing N N 348 
VAL CG1 HG12 sing N N 349 
VAL CG1 HG13 sing N N 350 
VAL CG2 HG21 sing N N 351 
VAL CG2 HG22 sing N N 352 
VAL CG2 HG23 sing N N 353 
VAL OXT HXT  sing N N 354 
# 
_pdbx_initial_refinement_model.accession_code   ? 
_pdbx_initial_refinement_model.id               1 
_pdbx_initial_refinement_model.entity_id_list   ? 
_pdbx_initial_refinement_model.type             'in silico model' 
_pdbx_initial_refinement_model.source_name      ? 
_pdbx_initial_refinement_model.details          'CS-Rosetta model' 
# 
_atom_sites.entry_id                    3F2E 
_atom_sites.fract_transf_matrix[1][1]   0.00115253 
_atom_sites.fract_transf_matrix[1][2]   -0.01463392 
_atom_sites.fract_transf_matrix[1][3]   0.01105929 
_atom_sites.fract_transf_matrix[2][1]   0.00496472 
_atom_sites.fract_transf_matrix[2][2]   0.01091636 
_atom_sites.fract_transf_matrix[2][3]   0.01392740 
_atom_sites.fract_transf_matrix[3][1]   -0.01235082 
_atom_sites.fract_transf_matrix[3][2]   0.00147867 
_atom_sites.fract_transf_matrix[3][3]   0.00324373 
_atom_sites.fract_transf_vector[1]      0.372182 
_atom_sites.fract_transf_vector[2]      0.411701 
_atom_sites.fract_transf_vector[3]      0.362700 
# 
loop_
_atom_type.symbol 
C 
N 
O 
S 
# 
loop_
_atom_site.group_PDB 
_atom_site.id 
_atom_site.type_symbol 
_atom_site.label_atom_id 
_atom_site.label_alt_id 
_atom_site.label_comp_id 
_atom_site.label_asym_id 
_atom_site.label_entity_id 
_atom_site.label_seq_id 
_atom_site.pdbx_PDB_ins_code 
_atom_site.Cartn_x 
_atom_site.Cartn_y 
_atom_site.Cartn_z 
_atom_site.occupancy 
_atom_site.B_iso_or_equiv 
_atom_site.pdbx_formal_charge 
_atom_site.auth_seq_id 
_atom_site.auth_comp_id 
_atom_site.auth_asym_id 
_atom_site.auth_atom_id 
_atom_site.pdbx_PDB_model_num 
ATOM   1   N N   . PHE A 1 8  ? -6.771  -8.367  7.563   1.00 45.96 ? 52  PHE A N   1 
ATOM   2   C CA  . PHE A 1 8  ? -6.172  -9.359  6.690   1.00 42.69 ? 52  PHE A CA  1 
ATOM   3   C C   . PHE A 1 8  ? -7.007  -9.590  5.448   1.00 48.36 ? 52  PHE A C   1 
ATOM   4   O O   . PHE A 1 8  ? -6.583  -9.282  4.328   1.00 31.35 ? 52  PHE A O   1 
ATOM   5   N N   . THR A 1 9  ? -8.199  -10.145 5.639   1.00 38.08 ? 53  THR A N   1 
ATOM   6   C CA  . THR A 1 9  ? -9.123  -10.308 4.528   1.00 34.74 ? 53  THR A CA  1 
ATOM   7   C C   . THR A 1 9  ? -9.605  -8.936  4.084   1.00 33.80 ? 53  THR A C   1 
ATOM   8   O O   . THR A 1 9  ? -9.803  -8.703  2.885   1.00 23.57 ? 53  THR A O   1 
ATOM   9   C CB  . THR A 1 9  ? -10.326 -11.201 4.890   1.00 42.31 ? 53  THR A CB  1 
ATOM   10  O OG1 . THR A 1 9  ? -11.017 -10.651 6.020   1.00 45.29 ? 53  THR A OG1 1 
ATOM   11  C CG2 . THR A 1 9  ? -9.858  -12.613 5.213   1.00 41.87 ? 53  THR A CG2 1 
ATOM   12  N N   . ALA A 1 10 ? -9.782  -8.030  5.049   1.00 29.04 ? 54  ALA A N   1 
ATOM   13  C CA  . ALA A 1 10 ? -10.186 -6.665  4.729   1.00 20.72 ? 54  ALA A CA  1 
ATOM   14  C C   . ALA A 1 10 ? -9.104  -5.951  3.927   1.00 16.25 ? 54  ALA A C   1 
ATOM   15  O O   . ALA A 1 10 ? -9.413  -5.254  2.962   1.00 16.99 ? 54  ALA A O   1 
ATOM   16  C CB  . ALA A 1 10 ? -10.541 -5.875  5.981   1.00 27.13 ? 54  ALA A CB  1 
ATOM   17  N N   . VAL A 1 11 ? -7.843  -6.126  4.324   1.00 16.87 ? 55  VAL A N   1 
ATOM   18  C CA  . VAL A 1 11 ? -6.744  -5.490  3.597   1.00 16.86 ? 55  VAL A CA  1 
ATOM   19  C C   . VAL A 1 11 ? -6.703  -5.967  2.147   1.00 15.50 ? 55  VAL A C   1 
ATOM   20  O O   . VAL A 1 11 ? -6.536  -5.163  1.222   1.00 16.94 ? 55  VAL A O   1 
ATOM   21  C CB  . VAL A 1 11 ? -5.387  -5.753  4.276   1.00 21.55 ? 55  VAL A CB  1 
ATOM   22  C CG1 . VAL A 1 11 ? -4.250  -5.253  3.399   1.00 21.98 ? 55  VAL A CG1 1 
ATOM   23  C CG2 . VAL A 1 11 ? -5.355  -5.080  5.637   1.00 24.20 ? 55  VAL A CG2 1 
ATOM   24  N N   . ALA A 1 12 ? -6.877  -7.269  1.942   1.00 16.80 ? 56  ALA A N   1 
ATOM   25  C CA  . ALA A 1 12 ? -6.894  -7.812  0.586   1.00 16.87 ? 56  ALA A CA  1 
ATOM   26  C C   . ALA A 1 12 ? -8.035  -7.220  -0.263  1.00 16.96 ? 56  ALA A C   1 
ATOM   27  O O   . ALA A 1 12 ? -7.843  -6.938  -1.450  1.00 15.51 ? 56  ALA A O   1 
ATOM   28  C CB  . ALA A 1 12 ? -6.964  -9.336  0.615   1.00 23.59 ? 56  ALA A CB  1 
ATOM   29  N N   . GLU A 1 13 ? -9.209  -7.022  0.340   1.00 16.54 ? 57  GLU A N   1 
ATOM   30  C CA  . GLU A 1 13 ? -10.336 -6.406  -0.373  1.00 15.44 ? 57  GLU A CA  1 
ATOM   31  C C   . GLU A 1 13 ? -10.050 -4.944  -0.716  1.00 14.77 ? 57  GLU A C   1 
ATOM   32  O O   . GLU A 1 13 ? -10.409 -4.460  -1.793  1.00 16.47 ? 57  GLU A O   1 
ATOM   33  C CB  . GLU A 1 13 ? -11.625 -6.519  0.442   1.00 16.24 ? 57  GLU A CB  1 
ATOM   34  C CG  . GLU A 1 13 ? -12.134 -7.943  0.581   1.00 19.35 ? 57  GLU A CG  1 
ATOM   35  C CD  . GLU A 1 13 ? -12.379 -8.600  -0.760  1.00 25.82 ? 57  GLU A CD  1 
ATOM   36  O OE1 . GLU A 1 13 ? -13.359 -8.225  -1.442  1.00 25.21 ? 57  GLU A OE1 1 
ATOM   37  O OE2 . GLU A 1 13 ? -11.587 -9.493  -1.131  1.00 31.62 ? 57  GLU A OE2 1 
ATOM   38  N N   . GLN A 1 14 ? -9.387  -4.251  0.206   1.00 14.46 ? 58  GLN A N   1 
ATOM   39  C CA  . GLN A 1 14 ? -9.031  -2.853  0.012   1.00 14.07 ? 58  GLN A CA  1 
ATOM   40  C C   . GLN A 1 14 ? -8.017  -2.706  -1.126  1.00 16.13 ? 58  GLN A C   1 
ATOM   41  O O   . GLN A 1 14 ? -8.185  -1.875  -2.021  1.00 14.93 ? 58  GLN A O   1 
ATOM   42  C CB  . GLN A 1 14 ? -8.515  -2.253  1.324   1.00 15.65 ? 58  GLN A CB  1 
ATOM   43  C CG  . GLN A 1 14 ? -9.631  -2.077  2.353   1.00 16.18 ? 58  GLN A CG  1 
ATOM   44  C CD  . GLN A 1 14 ? -9.143  -2.084  3.787   1.00 20.04 ? 58  GLN A CD  1 
ATOM   45  O OE1 . GLN A 1 14 ? -7.947  -1.948  4.054   1.00 21.16 ? 58  GLN A OE1 1 
ATOM   46  N NE2 . GLN A 1 14 ? -10.080 -2.242  4.728   1.00 17.22 ? 58  GLN A NE2 1 
ATOM   47  N N   . VAL A 1 15 ? -6.981  -3.535  -1.109  1.00 14.45 ? 59  VAL A N   1 
ATOM   48  C CA  . VAL A 1 15 ? -6.024  -3.538  -2.213  1.00 12.90 ? 59  VAL A CA  1 
ATOM   49  C C   . VAL A 1 15 ? -6.716  -3.879  -3.537  1.00 15.33 ? 59  VAL A C   1 
ATOM   50  O O   . VAL A 1 15 ? -6.465  -3.244  -4.565  1.00 14.53 ? 59  VAL A O   1 
ATOM   51  C CB  . VAL A 1 15 ? -4.850  -4.503  -1.950  1.00 13.62 ? 59  VAL A CB  1 
ATOM   52  C CG1 . VAL A 1 15 ? -3.962  -4.630  -3.194  1.00 13.40 ? 59  VAL A CG1 1 
ATOM   53  C CG2 . VAL A 1 15 ? -4.027  -4.015  -0.754  1.00 16.91 ? 59  VAL A CG2 1 
ATOM   54  N N   A SER A 1 16 ? -7.592  -4.881  -3.514  0.62 14.46 ? 60  SER A N   1 
ATOM   55  N N   B SER A 1 16 ? -7.598  -4.874  -3.505  0.38 14.48 ? 60  SER A N   1 
ATOM   56  C CA  A SER A 1 16 ? -8.294  -5.279  -4.733  0.62 16.13 ? 60  SER A CA  1 
ATOM   57  C CA  B SER A 1 16 ? -8.312  -5.288  -4.710  0.38 16.13 ? 60  SER A CA  1 
ATOM   58  C C   A SER A 1 16 ? -9.119  -4.142  -5.344  0.62 14.92 ? 60  SER A C   1 
ATOM   59  C C   B SER A 1 16 ? -9.099  -4.135  -5.337  0.38 14.93 ? 60  SER A C   1 
ATOM   60  O O   A SER A 1 16 ? -9.209  -4.027  -6.569  0.62 13.99 ? 60  SER A O   1 
ATOM   61  O O   B SER A 1 16 ? -9.143  -4.002  -6.561  0.38 14.04 ? 60  SER A O   1 
ATOM   62  C CB  A SER A 1 16 ? -9.169  -6.509  -4.480  0.62 16.50 ? 60  SER A CB  1 
ATOM   63  C CB  B SER A 1 16 ? -9.247  -6.464  -4.417  0.38 16.47 ? 60  SER A CB  1 
ATOM   64  O OG  A SER A 1 16 ? -8.365  -7.668  -4.339  0.62 15.85 ? 60  SER A OG  1 
ATOM   65  O OG  B SER A 1 16 ? -9.716  -7.045  -5.622  0.38 17.41 ? 60  SER A OG  1 
ATOM   66  N N   . ALA A 1 17 ? -9.719  -3.309  -4.500  1.00 14.65 ? 61  ALA A N   1 
ATOM   67  C CA  . ALA A 1 17 ? -10.486 -2.159  -4.995  1.00 15.18 ? 61  ALA A CA  1 
ATOM   68  C C   . ALA A 1 17 ? -9.589  -1.231  -5.815  1.00 15.88 ? 61  ALA A C   1 
ATOM   69  O O   . ALA A 1 17 ? -9.979  -0.759  -6.887  1.00 15.55 ? 61  ALA A O   1 
ATOM   70  C CB  . ALA A 1 17 ? -11.147 -1.400  -3.852  1.00 17.77 ? 61  ALA A CB  1 
ATOM   71  N N   . VAL A 1 18 ? -8.379  -0.980  -5.317  1.00 14.50 ? 62  VAL A N   1 
ATOM   72  C CA  . VAL A 1 18 ? -7.422  -0.154  -6.055  1.00 12.00 ? 62  VAL A CA  1 
ATOM   73  C C   . VAL A 1 18 ? -6.959  -0.837  -7.348  1.00 13.46 ? 62  VAL A C   1 
ATOM   74  O O   . VAL A 1 18 ? -6.865  -0.201  -8.403  1.00 14.20 ? 62  VAL A O   1 
ATOM   75  C CB  . VAL A 1 18 ? -6.205  0.235   -5.173  1.00 11.67 ? 62  VAL A CB  1 
ATOM   76  C CG1 . VAL A 1 18 ? -5.164  0.980   -5.997  1.00 15.80 ? 62  VAL A CG1 1 
ATOM   77  C CG2 . VAL A 1 18 ? -6.667  1.087   -3.990  1.00 14.67 ? 62  VAL A CG2 1 
ATOM   78  N N   . LEU A 1 19 ? -6.668  -2.136  -7.275  1.00 13.73 ? 63  LEU A N   1 
ATOM   79  C CA  . LEU A 1 19 ? -6.228  -2.860  -8.459  1.00 13.17 ? 63  LEU A CA  1 
ATOM   80  C C   . LEU A 1 19 ? -7.295  -2.820  -9.562  1.00 14.17 ? 63  LEU A C   1 
ATOM   81  O O   . LEU A 1 19 ? -6.969  -2.743  -10.752 1.00 15.44 ? 63  LEU A O   1 
ATOM   82  C CB  . LEU A 1 19 ? -5.807  -4.292  -8.107  1.00 16.17 ? 63  LEU A CB  1 
ATOM   83  C CG  . LEU A 1 19 ? -4.631  -4.367  -7.122  1.00 14.87 ? 63  LEU A CG  1 
ATOM   84  C CD1 . LEU A 1 19 ? -4.225  -5.818  -6.851  1.00 18.03 ? 63  LEU A CD1 1 
ATOM   85  C CD2 . LEU A 1 19 ? -3.433  -3.558  -7.613  1.00 19.68 ? 63  LEU A CD2 1 
ATOM   86  N N   A SER A 1 20 ? -8.562  -2.840  -9.160  0.52 14.00 ? 64  SER A N   1 
ATOM   87  N N   B SER A 1 20 ? -8.563  -2.868  -9.166  0.48 14.01 ? 64  SER A N   1 
ATOM   88  C CA  A SER A 1 20 ? -9.668  -2.741  -10.111 0.52 15.86 ? 64  SER A CA  1 
ATOM   89  C CA  B SER A 1 20 ? -9.662  -2.812  -10.128 0.48 15.86 ? 64  SER A CA  1 
ATOM   90  C C   A SER A 1 20 ? -9.665  -1.399  -10.842 0.52 15.01 ? 64  SER A C   1 
ATOM   91  C C   B SER A 1 20 ? -9.691  -1.464  -10.846 0.48 15.03 ? 64  SER A C   1 
ATOM   92  O O   A SER A 1 20 ? -9.827  -1.344  -12.064 0.52 15.00 ? 64  SER A O   1 
ATOM   93  O O   B SER A 1 20 ? -9.916  -1.394  -12.056 0.48 15.02 ? 64  SER A O   1 
ATOM   94  C CB  A SER A 1 20 ? -11.006 -2.942  -9.397  0.52 15.59 ? 64  SER A CB  1 
ATOM   95  C CB  B SER A 1 20 ? -10.999 -3.061  -9.424  0.48 15.61 ? 64  SER A CB  1 
ATOM   96  O OG  A SER A 1 20 ? -11.201 -4.302  -9.053  0.52 24.57 ? 64  SER A OG  1 
ATOM   97  O OG  B SER A 1 20 ? -12.081 -2.995  -10.337 0.48 16.20 ? 64  SER A OG  1 
ATOM   98  N N   A GLN A 1 21 ? -9.488  -0.318  -10.088 0.52 13.65 ? 65  GLN A N   1 
ATOM   99  N N   B GLN A 1 21 ? -9.464  -0.397  -10.089 0.48 13.68 ? 65  GLN A N   1 
ATOM   100 C CA  A GLN A 1 21 ? -9.428  1.019   -10.669 0.52 14.86 ? 65  GLN A CA  1 
ATOM   101 C CA  B GLN A 1 21 ? -9.422  0.954   -10.637 0.48 14.91 ? 65  GLN A CA  1 
ATOM   102 C C   A GLN A 1 21 ? -8.339  1.116   -11.736 0.52 14.08 ? 65  GLN A C   1 
ATOM   103 C C   B GLN A 1 21 ? -8.352  1.096   -11.718 0.48 14.07 ? 65  GLN A C   1 
ATOM   104 O O   A GLN A 1 21 ? -8.513  1.796   -12.749 0.52 14.96 ? 65  GLN A O   1 
ATOM   105 O O   B GLN A 1 21 ? -8.550  1.792   -12.717 0.48 14.96 ? 65  GLN A O   1 
ATOM   106 C CB  A GLN A 1 21 ? -9.177  2.064   -9.580  0.52 16.06 ? 65  GLN A CB  1 
ATOM   107 C CB  B GLN A 1 21 ? -9.154  1.951   -9.512  0.48 16.09 ? 65  GLN A CB  1 
ATOM   108 C CG  A GLN A 1 21 ? -10.239 2.113   -8.490  0.52 13.80 ? 65  GLN A CG  1 
ATOM   109 C CG  B GLN A 1 21 ? -9.001  3.385   -9.962  0.48 17.34 ? 65  GLN A CG  1 
ATOM   110 C CD  A GLN A 1 21 ? -9.817  2.992   -7.329  0.52 21.26 ? 65  GLN A CD  1 
ATOM   111 C CD  B GLN A 1 21 ? -8.870  4.327   -8.788  0.48 26.45 ? 65  GLN A CD  1 
ATOM   112 O OE1 A GLN A 1 21 ? -8.823  3.725   -7.404  0.52 26.59 ? 65  GLN A OE1 1 
ATOM   113 O OE1 B GLN A 1 21 ? -8.703  3.891   -7.649  0.48 26.36 ? 65  GLN A OE1 1 
ATOM   114 N NE2 A GLN A 1 21 ? -10.581 2.933   -6.246  0.52 25.71 ? 65  GLN A NE2 1 
ATOM   115 N NE2 B GLN A 1 21 ? -8.950  5.626   -9.055  0.48 32.90 ? 65  GLN A NE2 1 
ATOM   116 N N   . TYR A 1 22 ? -7.219  0.433   -11.507 1.00 13.84 ? 66  TYR A N   1 
ATOM   117 C CA  . TYR A 1 22 ? -6.069  0.539   -12.405 1.00 13.90 ? 66  TYR A CA  1 
ATOM   118 C C   . TYR A 1 22 ? -5.968  -0.591  -13.428 1.00 13.29 ? 66  TYR A C   1 
ATOM   119 O O   . TYR A 1 22 ? -5.059  -0.602  -14.268 1.00 13.45 ? 66  TYR A O   1 
ATOM   120 C CB  . TYR A 1 22 ? -4.761  0.676   -11.593 1.00 14.19 ? 66  TYR A CB  1 
ATOM   121 C CG  . TYR A 1 22 ? -4.619  2.054   -10.977 1.00 12.84 ? 66  TYR A CG  1 
ATOM   122 C CD1 . TYR A 1 22 ? -5.217  2.362   -9.758  1.00 15.91 ? 66  TYR A CD1 1 
ATOM   123 C CD2 . TYR A 1 22 ? -3.934  3.064   -11.644 1.00 17.05 ? 66  TYR A CD2 1 
ATOM   124 C CE1 . TYR A 1 22 ? -5.114  3.640   -9.211  1.00 17.85 ? 66  TYR A CE1 1 
ATOM   125 C CE2 . TYR A 1 22 ? -3.829  4.337   -11.110 1.00 16.26 ? 66  TYR A CE2 1 
ATOM   126 C CZ  . TYR A 1 22 ? -4.419  4.619   -9.896  1.00 17.67 ? 66  TYR A CZ  1 
ATOM   127 O OH  . TYR A 1 22 ? -4.311  5.890   -9.373  1.00 20.49 ? 66  TYR A OH  1 
ATOM   128 N N   . GLY A 1 23 ? -6.909  -1.528  -13.378 1.00 16.01 ? 67  GLY A N   1 
ATOM   129 C CA  . GLY A 1 23 ? -6.933  -2.612  -14.350 1.00 15.23 ? 67  GLY A CA  1 
ATOM   130 C C   . GLY A 1 23 ? -5.802  -3.617  -14.187 1.00 15.38 ? 67  GLY A C   1 
ATOM   131 O O   . GLY A 1 23 ? -5.371  -4.247  -15.153 1.00 18.25 ? 67  GLY A O   1 
ATOM   132 N N   . ILE A 1 24 ? -5.328  -3.786  -12.960 1.00 16.00 ? 68  ILE A N   1 
ATOM   133 C CA  . ILE A 1 24 ? -4.196  -4.678  -12.705 1.00 19.29 ? 68  ILE A CA  1 
ATOM   134 C C   . ILE A 1 24 ? -4.666  -6.098  -12.377 1.00 16.89 ? 68  ILE A C   1 
ATOM   135 O O   . ILE A 1 24 ? -5.396  -6.310  -11.408 1.00 17.76 ? 68  ILE A O   1 
ATOM   136 C CB  . ILE A 1 24 ? -3.287  -4.112  -11.594 1.00 17.75 ? 68  ILE A CB  1 
ATOM   137 C CG1 . ILE A 1 24 ? -2.641  -2.811  -12.075 1.00 16.46 ? 68  ILE A CG1 1 
ATOM   138 C CG2 . ILE A 1 24 ? -2.223  -5.136  -11.186 1.00 19.00 ? 68  ILE A CG2 1 
ATOM   139 C CD1 . ILE A 1 24 ? -1.986  -1.992  -10.978 1.00 18.39 ? 68  ILE A CD1 1 
ATOM   140 N N   . THR A 1 25 ? -4.277  -7.055  -13.223 1.00 21.30 ? 69  THR A N   1 
ATOM   141 C CA  . THR A 1 25 ? -4.554  -8.472  -12.978 1.00 19.30 ? 69  THR A CA  1 
ATOM   142 C C   . THR A 1 25 ? -3.289  -9.293  -13.221 1.00 18.86 ? 69  THR A C   1 
ATOM   143 O O   . THR A 1 25 ? -2.243  -8.752  -13.583 1.00 21.87 ? 69  THR A O   1 
ATOM   144 C CB  . THR A 1 25 ? -5.706  -9.020  -13.866 1.00 22.74 ? 69  THR A CB  1 
ATOM   145 O OG1 . THR A 1 25 ? -5.361  -8.851  -15.244 1.00 25.45 ? 69  THR A OG1 1 
ATOM   146 C CG2 . THR A 1 25 ? -7.027  -8.299  -13.574 1.00 26.24 ? 69  THR A CG2 1 
ATOM   147 N N   . GLY A 1 26 ? -3.381  -10.600 -13.010 1.00 21.46 ? 70  GLY A N   1 
ATOM   148 C CA  . GLY A 1 26 ? -2.238  -11.467 -13.223 1.00 22.44 ? 70  GLY A CA  1 
ATOM   149 C C   . GLY A 1 26 ? -1.247  -11.425 -12.075 1.00 23.42 ? 70  GLY A C   1 
ATOM   150 O O   . GLY A 1 26 ? -1.582  -10.981 -10.976 1.00 22.19 ? 70  GLY A O   1 
ATOM   151 N N   . PRO A 1 27 ? -0.018  -11.900 -12.321 1.00 26.98 ? 71  PRO A N   1 
ATOM   152 C CA  . PRO A 1 27 ? 1.030   -12.013 -11.299 1.00 30.03 ? 71  PRO A CA  1 
ATOM   153 C C   . PRO A 1 27 ? 1.363   -10.696 -10.605 1.00 25.61 ? 71  PRO A C   1 
ATOM   154 O O   . PRO A 1 27 ? 1.755   -10.715 -9.439  1.00 24.96 ? 71  PRO A O   1 
ATOM   155 C CB  . PRO A 1 27 ? 2.244   -12.500 -12.100 1.00 31.47 ? 71  PRO A CB  1 
ATOM   156 C CG  . PRO A 1 27 ? 1.655   -13.222 -13.262 1.00 42.18 ? 71  PRO A CG  1 
ATOM   157 C CD  . PRO A 1 27 ? 0.407   -12.465 -13.614 1.00 35.48 ? 71  PRO A CD  1 
ATOM   158 N N   . ASN A 1 28 ? 1.214   -9.576  -11.304 1.00 24.06 ? 72  ASN A N   1 
ATOM   159 C CA  . ASN A 1 28 ? 1.565   -8.282  -10.727 1.00 23.64 ? 72  ASN A CA  1 
ATOM   160 C C   . ASN A 1 28 ? 0.692   -7.891  -9.531  1.00 16.75 ? 72  ASN A C   1 
ATOM   161 O O   . ASN A 1 28 ? 1.084   -7.050  -8.719  1.00 20.50 ? 72  ASN A O   1 
ATOM   162 C CB  . ASN A 1 28 ? 1.548   -7.185  -11.797 1.00 27.79 ? 72  ASN A CB  1 
ATOM   163 C CG  . ASN A 1 28 ? 2.727   -7.288  -12.754 1.00 36.73 ? 72  ASN A CG  1 
ATOM   164 O OD1 . ASN A 1 28 ? 3.645   -8.085  -12.545 1.00 36.30 ? 72  ASN A OD1 1 
ATOM   165 N ND2 . ASN A 1 28 ? 2.706   -6.479  -13.808 1.00 43.08 ? 72  ASN A ND2 1 
ATOM   166 N N   . ARG A 1 29 ? -0.485  -8.498  -9.410  1.00 15.82 ? 73  ARG A N   1 
ATOM   167 C CA  . ARG A 1 29 ? -1.354  -8.192  -8.272  1.00 16.34 ? 73  ARG A CA  1 
ATOM   168 C C   . ARG A 1 29 ? -0.638  -8.479  -6.956  1.00 18.90 ? 73  ARG A C   1 
ATOM   169 O O   . ARG A 1 29 ? -0.836  -7.773  -5.959  1.00 17.91 ? 73  ARG A O   1 
ATOM   170 C CB  . ARG A 1 29 ? -2.648  -9.005  -8.326  1.00 18.12 ? 73  ARG A CB  1 
ATOM   171 C CG  . ARG A 1 29 ? -3.590  -8.618  -9.458  1.00 17.72 ? 73  ARG A CG  1 
ATOM   172 C CD  . ARG A 1 29 ? -4.796  -9.556  -9.491  1.00 21.30 ? 73  ARG A CD  1 
ATOM   173 N NE  . ARG A 1 29 ? -5.625  -9.435  -8.294  1.00 23.86 ? 73  ARG A NE  1 
ATOM   174 C CZ  . ARG A 1 29 ? -6.601  -8.542  -8.149  1.00 28.94 ? 73  ARG A CZ  1 
ATOM   175 N NH1 . ARG A 1 29 ? -6.858  -7.684  -9.128  1.00 24.47 ? 73  ARG A NH1 1 
ATOM   176 N NH2 . ARG A 1 29 ? -7.319  -8.503  -7.027  1.00 26.90 ? 73  ARG A NH2 1 
ATOM   177 N N   . ALA A 1 30 ? 0.184   -9.527  -6.964  1.00 18.90 ? 74  ALA A N   1 
ATOM   178 C CA  . ALA A 1 30 ? 0.869   -9.987  -5.762  1.00 20.59 ? 74  ALA A CA  1 
ATOM   179 C C   . ALA A 1 30 ? 1.804   -8.935  -5.186  1.00 17.68 ? 74  ALA A C   1 
ATOM   180 O O   . ALA A 1 30 ? 1.977   -8.861  -3.968  1.00 19.61 ? 74  ALA A O   1 
ATOM   181 C CB  . ALA A 1 30 ? 1.637   -11.288 -6.046  1.00 23.33 ? 74  ALA A CB  1 
ATOM   182 N N   . ILE A 1 31 ? 2.407   -8.131  -6.058  1.00 18.96 ? 75  ILE A N   1 
ATOM   183 C CA  . ILE A 1 31 ? 3.277   -7.032  -5.631  1.00 21.93 ? 75  ILE A CA  1 
ATOM   184 C C   . ILE A 1 31 ? 2.515   -6.094  -4.695  1.00 19.41 ? 75  ILE A C   1 
ATOM   185 O O   . ILE A 1 31 ? 2.988   -5.724  -3.614  1.00 16.52 ? 75  ILE A O   1 
ATOM   186 C CB  . ILE A 1 31 ? 3.768   -6.200  -6.841  1.00 22.10 ? 75  ILE A CB  1 
ATOM   187 C CG1 . ILE A 1 31 ? 4.565   -7.066  -7.820  1.00 24.97 ? 75  ILE A CG1 1 
ATOM   188 C CG2 . ILE A 1 31 ? 4.603   -5.010  -6.381  1.00 23.80 ? 75  ILE A CG2 1 
ATOM   189 C CD1 . ILE A 1 31 ? 4.910   -6.338  -9.114  1.00 31.75 ? 75  ILE A CD1 1 
ATOM   190 N N   . TYR A 1 32 ? 1.315   -5.718  -5.120  1.00 16.14 ? 76  TYR A N   1 
ATOM   191 C CA  . TYR A 1 32 ? 0.542   -4.724  -4.390  1.00 14.74 ? 76  TYR A CA  1 
ATOM   192 C C   . TYR A 1 32 ? -0.143  -5.300  -3.147  1.00 15.91 ? 76  TYR A C   1 
ATOM   193 O O   . TYR A 1 32 ? -0.276  -4.611  -2.134  1.00 16.62 ? 76  TYR A O   1 
ATOM   194 C CB  . TYR A 1 32 ? -0.442  -4.023  -5.341  1.00 14.37 ? 76  TYR A CB  1 
ATOM   195 C CG  . TYR A 1 32 ? 0.292   -3.386  -6.505  1.00 12.43 ? 76  TYR A CG  1 
ATOM   196 C CD1 . TYR A 1 32 ? 0.976   -2.183  -6.341  1.00 15.84 ? 76  TYR A CD1 1 
ATOM   197 C CD2 . TYR A 1 32 ? 0.352   -4.010  -7.749  1.00 15.31 ? 76  TYR A CD2 1 
ATOM   198 C CE1 . TYR A 1 32 ? 1.685   -1.609  -7.389  1.00 16.16 ? 76  TYR A CE1 1 
ATOM   199 C CE2 . TYR A 1 32 ? 1.052   -3.439  -8.807  1.00 15.37 ? 76  TYR A CE2 1 
ATOM   200 C CZ  . TYR A 1 32 ? 1.713   -2.235  -8.619  1.00 16.88 ? 76  TYR A CZ  1 
ATOM   201 O OH  . TYR A 1 32 ? 2.418   -1.660  -9.662  1.00 17.54 ? 76  TYR A OH  1 
ATOM   202 N N   . GLN A 1 33 ? -0.561  -6.562  -3.216  0.93 14.34 ? 77  GLN A N   1 
ATOM   203 C CA  . GLN A 1 33 ? -1.111  -7.233  -2.044  0.91 14.32 ? 77  GLN A CA  1 
ATOM   204 C C   . GLN A 1 33 ? -0.041  -7.354  -0.954  0.84 12.20 ? 77  GLN A C   1 
ATOM   205 O O   . GLN A 1 33 ? -0.327  -7.144  0.224   1.00 17.16 ? 77  GLN A O   1 
ATOM   206 C CB  . GLN A 1 33 ? -1.683  -8.608  -2.403  1.00 18.60 ? 77  GLN A CB  1 
ATOM   207 C CG  . GLN A 1 33 ? -2.948  -8.556  -3.262  1.00 16.19 ? 77  GLN A CG  1 
ATOM   208 C CD  . GLN A 1 33 ? -4.185  -8.079  -2.502  0.77 12.96 ? 77  GLN A CD  1 
ATOM   209 O OE1 . GLN A 1 33 ? -4.118  -7.714  -1.324  0.92 16.82 ? 77  GLN A OE1 1 
ATOM   210 N NE2 . GLN A 1 33 ? -5.334  -8.089  -3.185  1.00 17.67 ? 77  GLN A NE2 1 
ATOM   211 N N   . GLY A 1 34 ? 1.186   -7.673  -1.357  1.00 15.27 ? 78  GLY A N   1 
ATOM   212 C CA  . GLY A 1 34 ? 2.293   -7.773  -0.413  1.00 17.38 ? 78  GLY A CA  1 
ATOM   213 C C   . GLY A 1 34 ? 2.646   -6.441  0.230   1.00 16.20 ? 78  GLY A C   1 
ATOM   214 O O   . GLY A 1 34 ? 2.796   -6.343  1.455   1.00 16.24 ? 78  GLY A O   1 
ATOM   215 N N   . PHE A 1 35 ? 2.780   -5.411  -0.599  1.00 14.22 ? 79  PHE A N   1 
ATOM   216 C CA  . PHE A 1 35 ? 3.005   -4.052  -0.116  1.00 14.09 ? 79  PHE A CA  1 
ATOM   217 C C   . PHE A 1 35 ? 1.905   -3.642  0.860   1.00 14.79 ? 79  PHE A C   1 
ATOM   218 O O   . PHE A 1 35 ? 2.179   -3.136  1.947   1.00 14.09 ? 79  PHE A O   1 
ATOM   219 C CB  . PHE A 1 35 ? 3.051   -3.074  -1.298  1.00 13.49 ? 79  PHE A CB  1 
ATOM   220 C CG  . PHE A 1 35 ? 3.105   -1.625  -0.895  1.00 14.36 ? 79  PHE A CG  1 
ATOM   221 C CD1 . PHE A 1 35 ? 4.308   -1.028  -0.558  1.00 15.64 ? 79  PHE A CD1 1 
ATOM   222 C CD2 . PHE A 1 35 ? 1.946   -0.850  -0.881  1.00 14.15 ? 79  PHE A CD2 1 
ATOM   223 C CE1 . PHE A 1 35 ? 4.362   0.320   -0.200  1.00 14.91 ? 79  PHE A CE1 1 
ATOM   224 C CE2 . PHE A 1 35 ? 1.991   0.487   -0.525  1.00 14.27 ? 79  PHE A CE2 1 
ATOM   225 C CZ  . PHE A 1 35 ? 3.202   1.078   -0.184  1.00 15.13 ? 79  PHE A CZ  1 
ATOM   226 N N   . GLY A 1 36 ? 0.652   -3.862  0.470   1.00 14.16 ? 80  GLY A N   1 
ATOM   227 C CA  . GLY A 1 36 ? -0.474  -3.483  1.309   1.00 16.22 ? 80  GLY A CA  1 
ATOM   228 C C   . GLY A 1 36 ? -0.466  -4.149  2.677   1.00 16.88 ? 80  GLY A C   1 
ATOM   229 O O   . GLY A 1 36 ? -0.727  -3.502  3.692   1.00 17.68 ? 80  GLY A O   1 
ATOM   230 N N   . LEU A 1 37 ? -0.170  -5.445  2.710   1.00 14.54 ? 81  LEU A N   1 
ATOM   231 C CA  . LEU A 1 37 ? -0.099  -6.174  3.978   1.00 15.16 ? 81  LEU A CA  1 
ATOM   232 C C   . LEU A 1 37 ? 0.990   -5.601  4.891   1.00 17.27 ? 81  LEU A C   1 
ATOM   233 O O   . LEU A 1 37 ? 0.791   -5.456  6.108   1.00 16.92 ? 81  LEU A O   1 
ATOM   234 C CB  . LEU A 1 37 ? 0.142   -7.663  3.727   1.00 20.23 ? 81  LEU A CB  1 
ATOM   235 C CG  . LEU A 1 37 ? 0.253   -8.525  4.988   1.00 26.34 ? 81  LEU A CG  1 
ATOM   236 C CD1 . LEU A 1 37 ? -0.950  -8.317  5.903   1.00 28.90 ? 81  LEU A CD1 1 
ATOM   237 C CD2 . LEU A 1 37 ? 0.414   -9.996  4.623   1.00 34.02 ? 81  LEU A CD2 1 
ATOM   238 N N   . LYS A 1 38 ? 2.134   -5.265  4.306   1.00 14.96 ? 82  LYS A N   1 
ATOM   239 C CA  . LYS A 1 38 ? 3.223   -4.676  5.090   1.00 13.47 ? 82  LYS A CA  1 
ATOM   240 C C   . LYS A 1 38 ? 2.844   -3.296  5.643   1.00 14.13 ? 82  LYS A C   1 
ATOM   241 O O   . LYS A 1 38 ? 3.170   -2.963  6.787   1.00 15.65 ? 82  LYS A O   1 
ATOM   242 C CB  . LYS A 1 38 ? 4.517   -4.616  4.271   1.00 12.69 ? 82  LYS A CB  1 
ATOM   243 C CG  . LYS A 1 38 ? 5.126   -5.989  3.978   1.00 16.44 ? 82  LYS A CG  1 
ATOM   244 C CD  . LYS A 1 38 ? 6.493   -5.858  3.317   1.00 17.39 ? 82  LYS A CD  1 
ATOM   245 C CE  . LYS A 1 38 ? 7.044   -7.217  2.929   1.00 25.03 ? 82  LYS A CE  1 
ATOM   246 N NZ  . LYS A 1 38 ? 7.196   -8.103  4.115   1.00 30.30 ? 82  LYS A NZ  1 
ATOM   247 N N   . VAL A 1 39 ? 2.150   -2.493  4.839   1.00 14.17 ? 83  VAL A N   1 
ATOM   248 C CA  . VAL A 1 39 ? 1.686   -1.190  5.317   1.00 13.58 ? 83  VAL A CA  1 
ATOM   249 C C   . VAL A 1 39 ? 0.687   -1.368  6.470   1.00 13.62 ? 83  VAL A C   1 
ATOM   250 O O   . VAL A 1 39 ? 0.780   -0.693  7.498   1.00 16.21 ? 83  VAL A O   1 
ATOM   251 C CB  . VAL A 1 39 ? 1.075   -0.343  4.171   1.00 15.34 ? 83  VAL A CB  1 
ATOM   252 C CG1 . VAL A 1 39 ? 0.420   0.922   4.726   1.00 17.03 ? 83  VAL A CG1 1 
ATOM   253 C CG2 . VAL A 1 39 ? 2.152   0.007   3.136   1.00 15.39 ? 83  VAL A CG2 1 
ATOM   254 N N   . ALA A 1 40 ? -0.256  -2.294  6.308   1.00 13.70 ? 84  ALA A N   1 
ATOM   255 C CA  . ALA A 1 40 ? -1.257  -2.544  7.348   1.00 16.60 ? 84  ALA A CA  1 
ATOM   256 C C   . ALA A 1 40 ? -0.620  -3.006  8.663   1.00 16.96 ? 84  ALA A C   1 
ATOM   257 O O   . ALA A 1 40 ? -0.987  -2.525  9.740   1.00 16.61 ? 84  ALA A O   1 
ATOM   258 C CB  . ALA A 1 40 ? -2.298  -3.556  6.861   1.00 17.00 ? 84  ALA A CB  1 
ATOM   259 N N   . ARG A 1 41 ? 0.334   -3.930  8.570   1.00 16.94 ? 85  ARG A N   1 
ATOM   260 C CA  . ARG A 1 41 ? 1.040   -4.416  9.759   1.00 14.81 ? 85  ARG A CA  1 
ATOM   261 C C   . ARG A 1 41 ? 1.809   -3.299  10.462  1.00 19.22 ? 85  ARG A C   1 
ATOM   262 O O   . ARG A 1 41 ? 1.821   -3.220  11.695  1.00 17.99 ? 85  ARG A O   1 
ATOM   263 C CB  . ARG A 1 41 ? 1.983   -5.566  9.408   1.00 21.02 ? 85  ARG A CB  1 
ATOM   264 C CG  . ARG A 1 41 ? 1.307   -6.921  9.386   1.00 33.32 ? 85  ARG A CG  1 
ATOM   265 C CD  . ARG A 1 41 ? 2.296   -8.010  9.749   1.00 39.88 ? 85  ARG A CD  1 
ATOM   266 N NE  . ARG A 1 41 ? 3.385   -8.051  8.788   1.00 42.15 ? 85  ARG A NE  1 
ATOM   267 C CZ  . ARG A 1 41 ? 3.417   -8.863  7.739   1.00 41.09 ? 85  ARG A CZ  1 
ATOM   268 N NH1 . ARG A 1 41 ? 4.448   -8.828  6.910   1.00 40.54 ? 85  ARG A NH1 1 
ATOM   269 N NH2 . ARG A 1 41 ? 2.421   -9.715  7.527   1.00 40.80 ? 85  ARG A NH2 1 
ATOM   270 N N   . ALA A 1 42 ? 2.459   -2.444  9.675   1.00 17.21 ? 86  ALA A N   1 
ATOM   271 C CA  . ALA A 1 42 ? 3.183   -1.302  10.226  1.00 13.18 ? 86  ALA A CA  1 
ATOM   272 C C   . ALA A 1 42 ? 2.238   -0.342  10.948  1.00 18.00 ? 86  ALA A C   1 
ATOM   273 O O   . ALA A 1 42 ? 2.538   0.129   12.046  1.00 16.64 ? 86  ALA A O   1 
ATOM   274 C CB  . ALA A 1 42 ? 3.943   -0.573  9.131   1.00 14.53 ? 86  ALA A CB  1 
ATOM   275 N N   . LEU A 1 43 ? 1.100   -0.042  10.326  1.00 15.02 ? 87  LEU A N   1 
ATOM   276 C CA  . LEU A 1 43 ? 0.109   0.836   10.946  1.00 14.55 ? 87  LEU A CA  1 
ATOM   277 C C   . LEU A 1 43 ? -0.382  0.254   12.276  1.00 16.15 ? 87  LEU A C   1 
ATOM   278 O O   . LEU A 1 43 ? -0.487  0.964   13.286  1.00 17.30 ? 87  LEU A O   1 
ATOM   279 C CB  . LEU A 1 43 ? -1.076  1.058   10.001  1.00 16.05 ? 87  LEU A CB  1 
ATOM   280 C CG  . LEU A 1 43 ? -2.285  1.784   10.605  1.00 19.27 ? 87  LEU A CG  1 
ATOM   281 C CD1 . LEU A 1 43 ? -1.903  3.150   11.159  1.00 20.27 ? 87  LEU A CD1 1 
ATOM   282 C CD2 . LEU A 1 43 ? -3.394  1.906   9.567   1.00 23.14 ? 87  LEU A CD2 1 
ATOM   283 N N   . ASN A 1 44 ? -0.671  -1.042  12.272  1.00 17.26 ? 88  ASN A N   1 
ATOM   284 C CA  . ASN A 1 44 ? -1.165  -1.712  13.472  1.00 20.21 ? 88  ASN A CA  1 
ATOM   285 C C   . ASN A 1 44 ? -0.157  -1.672  14.610  1.00 22.68 ? 88  ASN A C   1 
ATOM   286 O O   . ASN A 1 44 ? -0.520  -1.439  15.768  1.00 25.12 ? 88  ASN A O   1 
ATOM   287 C CB  . ASN A 1 44 ? -1.529  -3.166  13.172  1.00 23.72 ? 88  ASN A CB  1 
ATOM   288 C CG  . ASN A 1 44 ? -1.905  -3.940  14.425  1.00 35.59 ? 88  ASN A CG  1 
ATOM   289 O OD1 . ASN A 1 44 ? -1.123  -4.750  14.927  1.00 45.81 ? 88  ASN A OD1 1 
ATOM   290 N ND2 . ASN A 1 44 ? -3.110  -3.696  14.935  1.00 35.23 ? 88  ASN A ND2 1 
ATOM   291 N N   . ARG A 1 45 ? 1.109   -1.898  14.277  1.00 17.37 ? 89  ARG A N   1 
ATOM   292 C CA  . ARG A 1 45 ? 2.158   -1.956  15.289  1.00 21.12 ? 89  ARG A CA  1 
ATOM   293 C C   . ARG A 1 45 ? 2.603   -0.572  15.760  1.00 26.13 ? 89  ARG A C   1 
ATOM   294 O O   . ARG A 1 45 ? 2.750   -0.344  16.963  1.00 27.61 ? 89  ARG A O   1 
ATOM   295 C CB  . ARG A 1 45 ? 3.360   -2.753  14.773  1.00 22.90 ? 89  ARG A CB  1 
ATOM   296 C CG  . ARG A 1 45 ? 4.346   -3.140  15.853  1.00 28.90 ? 89  ARG A CG  1 
ATOM   297 C CD  . ARG A 1 45 ? 3.707   -4.064  16.897  1.00 25.90 ? 89  ARG A CD  1 
ATOM   298 N NE  . ARG A 1 45 ? 3.486   -5.414  16.389  1.00 38.59 ? 89  ARG A NE  1 
ATOM   299 C CZ  . ARG A 1 45 ? 3.184   -6.456  17.158  1.00 43.78 ? 89  ARG A CZ  1 
ATOM   300 N NH1 . ARG A 1 45 ? 3.070   -6.299  18.470  1.00 40.50 ? 89  ARG A NH1 1 
ATOM   301 N NH2 . ARG A 1 45 ? 3.006   -7.656  16.621  1.00 40.45 ? 89  ARG A NH2 1 
ATOM   302 N N   . LEU A 1 46 ? 2.804   0.351   14.817  1.00 17.44 ? 90  LEU A N   1 
ATOM   303 C CA  . LEU A 1 46 ? 3.417   1.646   15.126  1.00 18.15 ? 90  LEU A CA  1 
ATOM   304 C C   . LEU A 1 46 ? 2.430   2.767   15.447  1.00 19.02 ? 90  LEU A C   1 
ATOM   305 O O   . LEU A 1 46 ? 2.772   3.717   16.162  1.00 22.91 ? 90  LEU A O   1 
ATOM   306 C CB  . LEU A 1 46 ? 4.305   2.094   13.965  1.00 15.18 ? 90  LEU A CB  1 
ATOM   307 C CG  . LEU A 1 46 ? 5.459   1.141   13.640  1.00 15.62 ? 90  LEU A CG  1 
ATOM   308 C CD1 . LEU A 1 46 ? 6.215   1.613   12.416  1.00 17.85 ? 90  LEU A CD1 1 
ATOM   309 C CD2 . LEU A 1 46 ? 6.389   1.009   14.841  1.00 18.75 ? 90  LEU A CD2 1 
ATOM   310 N N   . GLY A 1 47 ? 1.221   2.677   14.906  1.00 18.28 ? 91  GLY A N   1 
ATOM   311 C CA  . GLY A 1 47 ? 0.286   3.783   15.007  1.00 18.12 ? 91  GLY A CA  1 
ATOM   312 C C   . GLY A 1 47 ? 0.796   4.962   14.194  1.00 20.29 ? 91  GLY A C   1 
ATOM   313 O O   . GLY A 1 47 ? 1.872   4.894   13.594  1.00 20.71 ? 91  GLY A O   1 
ATOM   314 N N   . GLY A 1 48 ? 0.031   6.046   14.170  1.00 23.40 ? 92  GLY A N   1 
ATOM   315 C CA  . GLY A 1 48 ? 0.414   7.219   13.403  1.00 20.23 ? 92  GLY A CA  1 
ATOM   316 C C   . GLY A 1 48 ? 1.640   7.945   13.931  1.00 22.62 ? 92  GLY A C   1 
ATOM   317 O O   . GLY A 1 48 ? 1.857   8.031   15.144  1.00 25.35 ? 92  GLY A O   1 
ATOM   318 N N   . GLY A 1 49 ? 2.440   8.484   13.017  1.00 16.59 ? 93  GLY A N   1 
ATOM   319 C CA  . GLY A 1 49 ? 3.609   9.257   13.398  1.00 17.04 ? 93  GLY A CA  1 
ATOM   320 C C   . GLY A 1 49 ? 4.763   9.127   12.424  1.00 15.19 ? 93  GLY A C   1 
ATOM   321 O O   . GLY A 1 49 ? 4.673   8.388   11.437  1.00 15.83 ? 93  GLY A O   1 
ATOM   322 N N   . PRO A 1 50 ? 5.861   9.849   12.690  1.00 15.50 ? 94  PRO A N   1 
ATOM   323 C CA  . PRO A 1 50 ? 7.022   9.806   11.795  1.00 13.85 ? 94  PRO A CA  1 
ATOM   324 C C   . PRO A 1 50 ? 7.620   8.399   11.612  1.00 14.88 ? 94  PRO A C   1 
ATOM   325 O O   . PRO A 1 50 ? 8.156   8.114   10.538  1.00 14.44 ? 94  PRO A O   1 
ATOM   326 C CB  . PRO A 1 50 ? 8.020   10.753  12.472  1.00 15.95 ? 94  PRO A CB  1 
ATOM   327 C CG  . PRO A 1 50 ? 7.130   11.761  13.178  1.00 14.49 ? 94  PRO A CG  1 
ATOM   328 C CD  . PRO A 1 50 ? 5.981   10.917  13.704  1.00 17.86 ? 94  PRO A CD  1 
ATOM   329 N N   . ALA A 1 51 ? 7.541   7.534   12.621  1.00 14.63 ? 95  ALA A N   1 
ATOM   330 C CA  . ALA A 1 51 ? 8.061   6.173   12.443  1.00 17.31 ? 95  ALA A CA  1 
ATOM   331 C C   . ALA A 1 51 ? 7.299   5.422   11.340  1.00 13.51 ? 95  ALA A C   1 
ATOM   332 O O   . ALA A 1 51 ? 7.900   4.780   10.478  1.00 13.86 ? 95  ALA A O   1 
ATOM   333 C CB  . ALA A 1 51 ? 8.027   5.394   13.765  1.00 18.16 ? 95  ALA A CB  1 
ATOM   334 N N   . LEU A 1 52 ? 5.975   5.521   11.360  1.00 14.21 ? 96  LEU A N   1 
ATOM   335 C CA  . LEU A 1 52 ? 5.155   4.886   10.331  1.00 11.39 ? 96  LEU A CA  1 
ATOM   336 C C   . LEU A 1 52 ? 5.470   5.479   8.956   1.00 13.48 ? 96  LEU A C   1 
ATOM   337 O O   . LEU A 1 52 ? 5.585   4.747   7.974   1.00 13.14 ? 96  LEU A O   1 
ATOM   338 C CB  . LEU A 1 52 ? 3.668   5.052   10.652  1.00 14.38 ? 96  LEU A CB  1 
ATOM   339 C CG  . LEU A 1 52 ? 2.696   4.486   9.614   1.00 14.00 ? 96  LEU A CG  1 
ATOM   340 C CD1 . LEU A 1 52 ? 2.880   2.981   9.475   1.00 14.94 ? 96  LEU A CD1 1 
ATOM   341 C CD2 . LEU A 1 52 ? 1.261   4.826   10.002  1.00 14.32 ? 96  LEU A CD2 1 
ATOM   342 N N   . VAL A 1 53 ? 5.607   6.804   8.888   1.00 12.52 ? 97  VAL A N   1 
ATOM   343 C CA  . VAL A 1 53 ? 5.954   7.474   7.630   1.00 12.99 ? 97  VAL A CA  1 
ATOM   344 C C   . VAL A 1 53 ? 7.324   7.019   7.102   1.00 13.80 ? 97  VAL A C   1 
ATOM   345 O O   . VAL A 1 53 ? 7.489   6.809   5.899   1.00 13.24 ? 97  VAL A O   1 
ATOM   346 C CB  . VAL A 1 53 ? 5.885   9.018   7.774   1.00 11.43 ? 97  VAL A CB  1 
ATOM   347 C CG1 . VAL A 1 53 ? 6.385   9.713   6.509   1.00 14.23 ? 97  VAL A CG1 1 
ATOM   348 C CG2 . VAL A 1 53 ? 4.454   9.443   8.106   1.00 14.50 ? 97  VAL A CG2 1 
ATOM   349 N N   . ASN A 1 54 ? 8.301   6.859   7.999   1.00 12.19 ? 98  ASN A N   1 
ATOM   350 C CA  . ASN A 1 54 ? 9.588   6.268   7.620   1.00 13.58 ? 98  ASN A CA  1 
ATOM   351 C C   . ASN A 1 54 ? 9.390   4.899   6.968   1.00 12.04 ? 98  ASN A C   1 
ATOM   352 O O   . ASN A 1 54 ? 9.911   4.631   5.881   1.00 12.91 ? 98  ASN A O   1 
ATOM   353 C CB  . ASN A 1 54 ? 10.505  6.102   8.842   1.00 13.77 ? 98  ASN A CB  1 
ATOM   354 C CG  . ASN A 1 54 ? 11.192  7.399   9.254   1.00 17.20 ? 98  ASN A CG  1 
ATOM   355 O OD1 . ASN A 1 54 ? 11.416  7.644   10.443  1.00 21.34 ? 98  ASN A OD1 1 
ATOM   356 N ND2 . ASN A 1 54 ? 11.537  8.220   8.281   1.00 17.85 ? 98  ASN A ND2 1 
ATOM   357 N N   . MET A 1 55 ? 8.641   4.035   7.644   1.00 13.16 ? 99  MET A N   1 
ATOM   358 C CA  . MET A 1 55 ? 8.406   2.678   7.159   1.00 12.01 ? 99  MET A CA  1 
ATOM   359 C C   . MET A 1 55 ? 7.733   2.689   5.788   1.00 12.73 ? 99  MET A C   1 
ATOM   360 O O   . MET A 1 55 ? 8.157   1.979   4.877   1.00 13.54 ? 99  MET A O   1 
ATOM   361 C CB  . MET A 1 55 ? 7.560   1.899   8.170   1.00 12.78 ? 99  MET A CB  1 
ATOM   362 C CG  . MET A 1 55 ? 7.452   0.403   7.921   1.00 17.44 ? 99  MET A CG  1 
ATOM   363 S SD  . MET A 1 55 ? 9.034   -0.467  8.090   1.00 19.90 ? 99  MET A SD  1 
ATOM   364 C CE  . MET A 1 55 ? 9.184   -1.068  6.429   0.53 23.96 ? 99  MET A CE  1 
ATOM   365 N N   . ILE A 1 56 ? 6.688   3.498   5.641   1.00 12.41 ? 100 ILE A N   1 
ATOM   366 C CA  . ILE A 1 56 ? 5.969   3.561   4.373   1.00 14.55 ? 100 ILE A CA  1 
ATOM   367 C C   . ILE A 1 56 ? 6.845   4.113   3.246   1.00 15.38 ? 100 ILE A C   1 
ATOM   368 O O   . ILE A 1 56 ? 6.892   3.539   2.152   1.00 13.31 ? 100 ILE A O   1 
ATOM   369 C CB  . ILE A 1 56 ? 4.651   4.353   4.507   1.00 14.02 ? 100 ILE A CB  1 
ATOM   370 C CG1 . ILE A 1 56 ? 3.698   3.594   5.435   1.00 14.93 ? 100 ILE A CG1 1 
ATOM   371 C CG2 . ILE A 1 56 ? 4.012   4.556   3.143   1.00 17.25 ? 100 ILE A CG2 1 
ATOM   372 C CD1 . ILE A 1 56 ? 2.448   4.375   5.821   1.00 16.03 ? 100 ILE A CD1 1 
ATOM   373 N N   . ASN A 1 57 ? 7.560   5.204   3.515   1.00 12.65 ? 101 ASN A N   1 
ATOM   374 C CA  . ASN A 1 57 ? 8.477   5.764   2.527   1.00 12.90 ? 101 ASN A CA  1 
ATOM   375 C C   . ASN A 1 57 ? 9.535   4.741   2.085   1.00 13.60 ? 101 ASN A C   1 
ATOM   376 O O   . ASN A 1 57 ? 9.859   4.639   0.894   1.00 13.78 ? 101 ASN A O   1 
ATOM   377 C CB  . ASN A 1 57 ? 9.148   7.033   3.066   1.00 13.88 ? 101 ASN A CB  1 
ATOM   378 C CG  . ASN A 1 57 ? 8.251   8.260   2.974   1.00 15.93 ? 101 ASN A CG  1 
ATOM   379 O OD1 . ASN A 1 57 ? 7.330   8.314   2.155   1.00 17.73 ? 101 ASN A OD1 1 
ATOM   380 N ND2 . ASN A 1 57 ? 8.525   9.263   3.811   1.00 16.45 ? 101 ASN A ND2 1 
ATOM   381 N N   . GLY A 1 58 ? 10.070  3.988   3.044   1.00 12.55 ? 102 GLY A N   1 
ATOM   382 C CA  . GLY A 1 58 ? 11.059  2.956   2.746   1.00 12.52 ? 102 GLY A CA  1 
ATOM   383 C C   . GLY A 1 58 ? 10.488  1.844   1.879   1.00 13.67 ? 102 GLY A C   1 
ATOM   384 O O   . GLY A 1 58 ? 11.110  1.434   0.893   1.00 15.35 ? 102 GLY A O   1 
ATOM   385 N N   . LEU A 1 59 ? 9.298   1.367   2.237   1.00 11.79 ? 103 LEU A N   1 
ATOM   386 C CA  . LEU A 1 59 ? 8.641   0.303   1.474   1.00 11.47 ? 103 LEU A CA  1 
ATOM   387 C C   . LEU A 1 59 ? 8.351   0.759   0.044   1.00 14.59 ? 103 LEU A C   1 
ATOM   388 O O   . LEU A 1 59 ? 8.540   -0.003  -0.903  1.00 12.88 ? 103 LEU A O   1 
ATOM   389 C CB  . LEU A 1 59 ? 7.342   -0.142  2.158   1.00 13.78 ? 103 LEU A CB  1 
ATOM   390 C CG  . LEU A 1 59 ? 7.467   -0.916  3.475   1.00 13.74 ? 103 LEU A CG  1 
ATOM   391 C CD1 . LEU A 1 59 ? 6.113   -1.067  4.139   1.00 16.43 ? 103 LEU A CD1 1 
ATOM   392 C CD2 . LEU A 1 59 ? 8.125   -2.280  3.245   1.00 16.36 ? 103 LEU A CD2 1 
ATOM   393 N N   . LYS A 1 60 ? 7.880   1.999   -0.111  1.00 13.44 ? 104 LYS A N   1 
ATOM   394 C CA  . LYS A 1 60 ? 7.592   2.534   -1.449  1.00 11.22 ? 104 LYS A CA  1 
ATOM   395 C C   . LYS A 1 60 ? 8.845   2.487   -2.317  1.00 14.06 ? 104 LYS A C   1 
ATOM   396 O O   . LYS A 1 60 ? 8.838   1.932   -3.422  1.00 14.25 ? 104 LYS A O   1 
ATOM   397 C CB  . LYS A 1 60 ? 7.071   3.971   -1.371  1.00 12.35 ? 104 LYS A CB  1 
ATOM   398 C CG  . LYS A 1 60 ? 5.612   4.100   -0.921  1.00 13.00 ? 104 LYS A CG  1 
ATOM   399 C CD  . LYS A 1 60 ? 5.231   5.563   -0.764  1.00 14.07 ? 104 LYS A CD  1 
ATOM   400 C CE  . LYS A 1 60 ? 3.750   5.742   -0.455  1.00 14.29 ? 104 LYS A CE  1 
ATOM   401 N NZ  . LYS A 1 60 ? 3.455   7.195   -0.204  1.00 13.04 ? 104 LYS A NZ  1 
ATOM   402 N N   . ALA A 1 61 ? 9.929   3.063   -1.804  1.00 13.14 ? 105 ALA A N   1 
ATOM   403 C CA  . ALA A 1 61 ? 11.184  3.087   -2.539  1.00 14.96 ? 105 ALA A CA  1 
ATOM   404 C C   . ALA A 1 61 ? 11.662  1.668   -2.881  1.00 13.94 ? 105 ALA A C   1 
ATOM   405 O O   . ALA A 1 61 ? 12.088  1.410   -4.008  1.00 15.60 ? 105 ALA A O   1 
ATOM   406 C CB  . ALA A 1 61 ? 12.245  3.845   -1.743  1.00 15.56 ? 105 ALA A CB  1 
ATOM   407 N N   . TYR A 1 62 ? 11.585  0.756   -1.913  1.00 14.54 ? 106 TYR A N   1 
ATOM   408 C CA  . TYR A 1 62 ? 12.013  -0.621  -2.143  1.00 14.10 ? 106 TYR A CA  1 
ATOM   409 C C   . TYR A 1 62 ? 11.177  -1.331  -3.212  1.00 16.33 ? 106 TYR A C   1 
ATOM   410 O O   . TYR A 1 62 ? 11.726  -2.009  -4.083  1.00 16.83 ? 106 TYR A O   1 
ATOM   411 C CB  . TYR A 1 62 ? 12.013  -1.447  -0.850  1.00 12.65 ? 106 TYR A CB  1 
ATOM   412 C CG  . TYR A 1 62 ? 12.681  -2.789  -1.050  1.00 14.56 ? 106 TYR A CG  1 
ATOM   413 C CD1 . TYR A 1 62 ? 11.943  -3.904  -1.453  1.00 17.25 ? 106 TYR A CD1 1 
ATOM   414 C CD2 . TYR A 1 62 ? 14.052  -2.937  -0.861  1.00 17.80 ? 106 TYR A CD2 1 
ATOM   415 C CE1 . TYR A 1 62 ? 12.556  -5.135  -1.655  1.00 21.82 ? 106 TYR A CE1 1 
ATOM   416 C CE2 . TYR A 1 62 ? 14.677  -4.163  -1.067  1.00 17.25 ? 106 TYR A CE2 1 
ATOM   417 C CZ  . TYR A 1 62 ? 13.921  -5.256  -1.458  1.00 24.06 ? 106 TYR A CZ  1 
ATOM   418 O OH  . TYR A 1 62 ? 14.538  -6.476  -1.653  1.00 27.77 ? 106 TYR A OH  1 
ATOM   419 N N   . TYR A 1 63 ? 9.856   -1.178  -3.145  1.00 13.46 ? 107 TYR A N   1 
ATOM   420 C CA  . TYR A 1 63 ? 8.979   -1.870  -4.086  1.00 14.10 ? 107 TYR A CA  1 
ATOM   421 C C   . TYR A 1 63 ? 9.134   -1.316  -5.504  1.00 18.50 ? 107 TYR A C   1 
ATOM   422 O O   . TYR A 1 63 ? 9.079   -2.063  -6.485  1.00 16.25 ? 107 TYR A O   1 
ATOM   423 C CB  . TYR A 1 63 ? 7.517   -1.864  -3.603  1.00 11.94 ? 107 TYR A CB  1 
ATOM   424 C CG  . TYR A 1 63 ? 7.194   -3.014  -2.667  1.00 12.82 ? 107 TYR A CG  1 
ATOM   425 C CD1 . TYR A 1 63 ? 6.350   -4.049  -3.066  1.00 15.38 ? 107 TYR A CD1 1 
ATOM   426 C CD2 . TYR A 1 63 ? 7.755   -3.082  -1.395  1.00 13.95 ? 107 TYR A CD2 1 
ATOM   427 C CE1 . TYR A 1 63 ? 6.066   -5.110  -2.216  1.00 17.31 ? 107 TYR A CE1 1 
ATOM   428 C CE2 . TYR A 1 63 ? 7.474   -4.138  -0.541  1.00 16.14 ? 107 TYR A CE2 1 
ATOM   429 C CZ  . TYR A 1 63 ? 6.634   -5.149  -0.957  1.00 18.38 ? 107 TYR A CZ  1 
ATOM   430 O OH  . TYR A 1 63 ? 6.363   -6.201  -0.110  1.00 18.96 ? 107 TYR A OH  1 
ATOM   431 N N   . ILE A 1 64 ? 9.354   -0.011  -5.608  1.00 14.15 ? 108 ILE A N   1 
ATOM   432 C CA  . ILE A 1 64 ? 9.620   0.608   -6.901  1.00 13.71 ? 108 ILE A CA  1 
ATOM   433 C C   . ILE A 1 64 ? 10.913  0.046   -7.491  1.00 17.21 ? 108 ILE A C   1 
ATOM   434 O O   . ILE A 1 64 ? 10.958  -0.343  -8.662  1.00 19.60 ? 108 ILE A O   1 
ATOM   435 C CB  . ILE A 1 64 ? 9.694   2.146   -6.784  1.00 16.00 ? 108 ILE A CB  1 
ATOM   436 C CG1 . ILE A 1 64 ? 8.304   2.705   -6.437  1.00 16.65 ? 108 ILE A CG1 1 
ATOM   437 C CG2 . ILE A 1 64 ? 10.221  2.754   -8.079  1.00 19.99 ? 108 ILE A CG2 1 
ATOM   438 C CD1 . ILE A 1 64 ? 8.297   4.169   -6.019  1.00 18.05 ? 108 ILE A CD1 1 
ATOM   439 N N   . SER A 1 65 ? 11.956  -0.021  -6.670  1.00 16.26 ? 109 SER A N   1 
ATOM   440 C CA  . SER A 1 65 ? 13.263  -0.490  -7.137  1.00 18.72 ? 109 SER A CA  1 
ATOM   441 C C   . SER A 1 65 ? 13.290  -1.981  -7.468  1.00 19.51 ? 109 SER A C   1 
ATOM   442 O O   . SER A 1 65 ? 13.783  -2.382  -8.527  1.00 23.37 ? 109 SER A O   1 
ATOM   443 C CB  . SER A 1 65 ? 14.345  -0.174  -6.101  1.00 20.13 ? 109 SER A CB  1 
ATOM   444 O OG  . SER A 1 65 ? 15.618  -0.628  -6.541  1.00 22.82 ? 109 SER A OG  1 
ATOM   445 N N   . ALA A 1 66 ? 12.772  -2.795  -6.556  1.00 15.97 ? 110 ALA A N   1 
ATOM   446 C CA  . ALA A 1 66 ? 12.893  -4.246  -6.659  1.00 19.34 ? 110 ALA A CA  1 
ATOM   447 C C   . ALA A 1 66 ? 11.906  -4.879  -7.636  1.00 22.94 ? 110 ALA A C   1 
ATOM   448 O O   . ALA A 1 66 ? 12.216  -5.894  -8.266  1.00 22.02 ? 110 ALA A O   1 
ATOM   449 C CB  . ALA A 1 66 ? 12.754  -4.888  -5.285  1.00 21.44 ? 110 ALA A CB  1 
ATOM   450 N N   . PHE A 1 67 ? 10.722  -4.288  -7.764  1.00 17.42 ? 111 PHE A N   1 
ATOM   451 C CA  . PHE A 1 67 ? 9.649   -4.919  -8.539  1.00 19.42 ? 111 PHE A CA  1 
ATOM   452 C C   . PHE A 1 67 ? 9.053   -4.012  -9.615  1.00 19.99 ? 111 PHE A C   1 
ATOM   453 O O   . PHE A 1 67 ? 8.043   -4.363  -10.240 1.00 20.09 ? 111 PHE A O   1 
ATOM   454 C CB  . PHE A 1 67 ? 8.521   -5.392  -7.613  1.00 19.06 ? 111 PHE A CB  1 
ATOM   455 C CG  . PHE A 1 67 ? 8.993   -6.125  -6.383  1.00 21.32 ? 111 PHE A CG  1 
ATOM   456 C CD1 . PHE A 1 67 ? 9.655   -7.340  -6.486  1.00 27.03 ? 111 PHE A CD1 1 
ATOM   457 C CD2 . PHE A 1 67 ? 8.748   -5.609  -5.119  1.00 19.87 ? 111 PHE A CD2 1 
ATOM   458 C CE1 . PHE A 1 67 ? 10.078  -8.017  -5.351  1.00 31.50 ? 111 PHE A CE1 1 
ATOM   459 C CE2 . PHE A 1 67 ? 9.164   -6.281  -3.983  1.00 22.46 ? 111 PHE A CE2 1 
ATOM   460 C CZ  . PHE A 1 67 ? 9.831   -7.486  -4.094  1.00 23.96 ? 111 PHE A CZ  1 
ATOM   461 N N   . ASN A 1 68 ? 9.667   -2.853  -9.833  1.00 16.99 ? 112 ASN A N   1 
ATOM   462 C CA  . ASN A 1 68 ? 9.120   -1.865  -10.758 1.00 21.11 ? 112 ASN A CA  1 
ATOM   463 C C   . ASN A 1 68 ? 7.662   -1.536  -10.432 1.00 22.81 ? 112 ASN A C   1 
ATOM   464 O O   . ASN A 1 68 ? 6.835   -1.374  -11.331 1.00 19.52 ? 112 ASN A O   1 
ATOM   465 C CB  . ASN A 1 68 ? 9.232   -2.352  -12.207 1.00 20.15 ? 112 ASN A CB  1 
ATOM   466 C CG  . ASN A 1 68 ? 9.029   -1.234  -13.216 1.00 35.38 ? 112 ASN A CG  1 
ATOM   467 O OD1 . ASN A 1 68 ? 9.323   -0.068  -12.940 1.00 35.51 ? 112 ASN A OD1 1 
ATOM   468 N ND2 . ASN A 1 68 ? 8.528   -1.586  -14.396 1.00 44.12 ? 112 ASN A ND2 1 
ATOM   469 N N   . ALA A 1 69 ? 7.343   -1.449  -9.146  1.00 17.47 ? 113 ALA A N   1 
ATOM   470 C CA  . ALA A 1 69 ? 5.993   -1.073  -8.737  1.00 15.74 ? 113 ALA A CA  1 
ATOM   471 C C   . ALA A 1 69 ? 5.643   0.327   -9.246  1.00 14.14 ? 113 ALA A C   1 
ATOM   472 O O   . ALA A 1 69 ? 6.502   1.205   -9.336  1.00 18.90 ? 113 ALA A O   1 
ATOM   473 C CB  . ALA A 1 69 ? 5.854   -1.140  -7.210  1.00 15.82 ? 113 ALA A CB  1 
ATOM   474 N N   . ASN A 1 70 ? 4.372   0.522   -9.582  1.00 14.53 ? 114 ASN A N   1 
ATOM   475 C CA  . ASN A 1 70 ? 3.880   1.811   -10.048 1.00 15.64 ? 114 ASN A CA  1 
ATOM   476 C C   . ASN A 1 70 ? 3.662   2.743   -8.848  1.00 15.84 ? 114 ASN A C   1 
ATOM   477 O O   . ASN A 1 70 ? 2.855   2.438   -7.973  1.00 15.12 ? 114 ASN A O   1 
ATOM   478 C CB  . ASN A 1 70 ? 2.566   1.575   -10.806 1.00 19.20 ? 114 ASN A CB  1 
ATOM   479 C CG  . ASN A 1 70 ? 1.970   2.850   -11.386 1.00 23.42 ? 114 ASN A CG  1 
ATOM   480 O OD1 . ASN A 1 70 ? 1.934   3.890   -10.732 1.00 23.02 ? 114 ASN A OD1 1 
ATOM   481 N ND2 . ASN A 1 70 ? 1.470   2.762   -12.620 1.00 22.06 ? 114 ASN A ND2 1 
ATOM   482 N N   . PRO A 1 71 ? 4.389   3.873   -8.792  1.00 15.40 ? 115 PRO A N   1 
ATOM   483 C CA  . PRO A 1 71 ? 4.311   4.763   -7.620  1.00 14.82 ? 115 PRO A CA  1 
ATOM   484 C C   . PRO A 1 71 ? 2.906   5.303   -7.367  1.00 15.38 ? 115 PRO A C   1 
ATOM   485 O O   . PRO A 1 71 ? 2.503   5.473   -6.207  1.00 16.97 ? 115 PRO A O   1 
ATOM   486 C CB  . PRO A 1 71 ? 5.260   5.919   -7.979  1.00 18.02 ? 115 PRO A CB  1 
ATOM   487 C CG  . PRO A 1 71 ? 6.136   5.391   -9.067  1.00 25.38 ? 115 PRO A CG  1 
ATOM   488 C CD  . PRO A 1 71 ? 5.328   4.371   -9.813  1.00 19.82 ? 115 PRO A CD  1 
ATOM   489 N N   . THR A 1 72 ? 2.164   5.584   -8.436  1.00 15.82 ? 116 THR A N   1 
ATOM   490 C CA  . THR A 1 72 ? 0.807   6.100   -8.293  1.00 14.86 ? 116 THR A CA  1 
ATOM   491 C C   . THR A 1 72 ? -0.090  5.064   -7.614  1.00 15.12 ? 116 THR A C   1 
ATOM   492 O O   . THR A 1 72 ? -0.896  5.398   -6.743  1.00 15.52 ? 116 THR A O   1 
ATOM   493 C CB  . THR A 1 72 ? 0.215   6.503   -9.656  1.00 18.83 ? 116 THR A CB  1 
ATOM   494 O OG1 . THR A 1 72 ? 1.090   7.446   -10.289 1.00 20.65 ? 116 THR A OG1 1 
ATOM   495 C CG2 . THR A 1 72 ? -1.168  7.128   -9.476  1.00 16.80 ? 116 THR A CG2 1 
ATOM   496 N N   . VAL A 1 73 ? 0.075   3.801   -8.006  1.00 13.69 ? 117 VAL A N   1 
ATOM   497 C CA  . VAL A 1 73 ? -0.687  2.717   -7.399  1.00 15.29 ? 117 VAL A CA  1 
ATOM   498 C C   . VAL A 1 73 ? -0.289  2.502   -5.934  1.00 14.27 ? 117 VAL A C   1 
ATOM   499 O O   . VAL A 1 73 ? -1.149  2.262   -5.093  1.00 14.19 ? 117 VAL A O   1 
ATOM   500 C CB  . VAL A 1 73 ? -0.556  1.407   -8.199  1.00 14.73 ? 117 VAL A CB  1 
ATOM   501 C CG1 . VAL A 1 73 ? -1.380  0.294   -7.559  1.00 14.03 ? 117 VAL A CG1 1 
ATOM   502 C CG2 . VAL A 1 73 ? -0.992  1.634   -9.649  1.00 15.93 ? 117 VAL A CG2 1 
ATOM   503 N N   . LEU A 1 74 ? 1.006   2.587   -5.626  1.00 14.38 ? 118 LEU A N   1 
ATOM   504 C CA  . LEU A 1 74 ? 1.435   2.459   -4.229  1.00 12.75 ? 118 LEU A CA  1 
ATOM   505 C C   . LEU A 1 74 ? 0.830   3.552   -3.350  1.00 14.61 ? 118 LEU A C   1 
ATOM   506 O O   . LEU A 1 74 ? 0.416   3.276   -2.225  1.00 14.58 ? 118 LEU A O   1 
ATOM   507 C CB  . LEU A 1 74 ? 2.959   2.474   -4.097  1.00 12.99 ? 118 LEU A CB  1 
ATOM   508 C CG  . LEU A 1 74 ? 3.735   1.311   -4.724  1.00 13.48 ? 118 LEU A CG  1 
ATOM   509 C CD1 . LEU A 1 74 ? 5.222   1.530   -4.508  1.00 15.94 ? 118 LEU A CD1 1 
ATOM   510 C CD2 . LEU A 1 74 ? 3.306   -0.038  -4.152  1.00 14.80 ? 118 LEU A CD2 1 
ATOM   511 N N   . ASP A 1 75 ? 0.782   4.785   -3.857  1.00 14.58 ? 119 ASP A N   1 
ATOM   512 C CA  . ASP A 1 75 ? 0.124   5.876   -3.135  1.00 13.57 ? 119 ASP A CA  1 
ATOM   513 C C   . ASP A 1 75 ? -1.357  5.565   -2.896  1.00 15.67 ? 119 ASP A C   1 
ATOM   514 O O   . ASP A 1 75 ? -1.881  5.767   -1.801  1.00 14.41 ? 119 ASP A O   1 
ATOM   515 C CB  . ASP A 1 75 ? 0.248   7.202   -3.895  1.00 14.42 ? 119 ASP A CB  1 
ATOM   516 C CG  . ASP A 1 75 ? 1.638   7.804   -3.808  1.00 23.10 ? 119 ASP A CG  1 
ATOM   517 O OD1 . ASP A 1 75 ? 2.479   7.289   -3.036  1.00 16.22 ? 119 ASP A OD1 1 
ATOM   518 O OD2 . ASP A 1 75 ? 1.886   8.807   -4.514  1.00 22.49 ? 119 ASP A OD2 1 
ATOM   519 N N   . ALA A 1 76 ? -2.030  5.074   -3.932  1.00 13.58 ? 120 ALA A N   1 
ATOM   520 C CA  . ALA A 1 76 ? -3.452  4.743   -3.823  1.00 14.90 ? 120 ALA A CA  1 
ATOM   521 C C   . ALA A 1 76 ? -3.725  3.635   -2.797  1.00 14.59 ? 120 ALA A C   1 
ATOM   522 O O   . ALA A 1 76 ? -4.701  3.697   -2.044  1.00 15.90 ? 120 ALA A O   1 
ATOM   523 C CB  . ALA A 1 76 ? -4.008  4.362   -5.188  1.00 15.84 ? 120 ALA A CB  1 
ATOM   524 N N   . VAL A 1 77 ? -2.863  2.622   -2.779  1.00 14.58 ? 121 VAL A N   1 
ATOM   525 C CA  . VAL A 1 77 ? -2.955  1.547   -1.795  1.00 14.57 ? 121 VAL A CA  1 
ATOM   526 C C   . VAL A 1 77 ? -2.705  2.074   -0.376  1.00 14.59 ? 121 VAL A C   1 
ATOM   527 O O   . VAL A 1 77 ? -3.421  1.729   0.565   1.00 15.20 ? 121 VAL A O   1 
ATOM   528 C CB  . VAL A 1 77 ? -1.970  0.401   -2.135  1.00 13.00 ? 121 VAL A CB  1 
ATOM   529 C CG1 . VAL A 1 77 ? -1.841  -0.576  -0.973  1.00 15.54 ? 121 VAL A CG1 1 
ATOM   530 C CG2 . VAL A 1 77 ? -2.420  -0.318  -3.413  1.00 13.01 ? 121 VAL A CG2 1 
ATOM   531 N N   . THR A 1 78 ? -1.692  2.924   -0.228  1.00 13.57 ? 122 THR A N   1 
ATOM   532 C CA  . THR A 1 78 ? -1.411  3.539   1.068   1.00 15.19 ? 122 THR A CA  1 
ATOM   533 C C   . THR A 1 78 ? -2.630  4.329   1.553   1.00 16.10 ? 122 THR A C   1 
ATOM   534 O O   . THR A 1 78 ? -3.014  4.266   2.725   1.00 14.30 ? 122 THR A O   1 
ATOM   535 C CB  . THR A 1 78 ? -0.177  4.457   0.992   1.00 14.04 ? 122 THR A CB  1 
ATOM   536 O OG1 . THR A 1 78 ? 0.954   3.705   0.518   1.00 13.86 ? 122 THR A OG1 1 
ATOM   537 C CG2 . THR A 1 78 ? 0.138   5.052   2.368   1.00 15.46 ? 122 THR A CG2 1 
ATOM   538 N N   . ASP A 1 79 ? -3.253  5.048   0.628   1.00 13.22 ? 123 ASP A N   1 
ATOM   539 C CA  . ASP A 1 79 ? -4.407  5.871   0.954   1.00 15.12 ? 123 ASP A CA  1 
ATOM   540 C C   . ASP A 1 79 ? -5.608  5.060   1.453   1.00 16.43 ? 123 ASP A C   1 
ATOM   541 O O   . ASP A 1 79 ? -6.264  5.439   2.428   1.00 16.21 ? 123 ASP A O   1 
ATOM   542 C CB  . ASP A 1 79 ? -4.833  6.701   -0.254  1.00 14.48 ? 123 ASP A CB  1 
ATOM   543 C CG  . ASP A 1 79 ? -6.042  7.567   0.051   1.00 22.68 ? 123 ASP A CG  1 
ATOM   544 O OD1 . ASP A 1 79 ? -5.884  8.562   0.794   1.00 20.19 ? 123 ASP A OD1 1 
ATOM   545 O OD2 . ASP A 1 79 ? -7.153  7.234   -0.426  1.00 21.69 ? 123 ASP A OD2 1 
ATOM   546 N N   . ILE A 1 80 ? -5.908  3.952   0.781   1.00 13.89 ? 124 ILE A N   1 
ATOM   547 C CA  . ILE A 1 80 ? -7.106  3.188   1.137   1.00 15.71 ? 124 ILE A CA  1 
ATOM   548 C C   . ILE A 1 80 ? -6.910  2.451   2.467   1.00 18.25 ? 124 ILE A C   1 
ATOM   549 O O   . ILE A 1 80 ? -7.863  2.205   3.203   1.00 18.92 ? 124 ILE A O   1 
ATOM   550 C CB  . ILE A 1 80 ? -7.561  2.240   -0.014  1.00 15.74 ? 124 ILE A CB  1 
ATOM   551 C CG1 . ILE A 1 80 ? -9.036  1.862   0.159   1.00 21.50 ? 124 ILE A CG1 1 
ATOM   552 C CG2 . ILE A 1 80 ? -6.674  1.008   -0.109  1.00 18.57 ? 124 ILE A CG2 1 
ATOM   553 C CD1 . ILE A 1 80 ? -9.676  1.272   -1.088  1.00 22.46 ? 124 ILE A CD1 1 
ATOM   554 N N   . ILE A 1 81 ? -5.659  2.136   2.791   1.00 14.44 ? 125 ILE A N   1 
ATOM   555 C CA  . ILE A 1 81 ? -5.356  1.452   4.044   1.00 19.35 ? 125 ILE A CA  1 
ATOM   556 C C   . ILE A 1 81 ? -5.230  2.391   5.252   1.00 17.94 ? 125 ILE A C   1 
ATOM   557 O O   . ILE A 1 81 ? -5.756  2.090   6.331   1.00 19.88 ? 125 ILE A O   1 
ATOM   558 C CB  . ILE A 1 81 ? -4.088  0.577   3.914   1.00 18.27 ? 125 ILE A CB  1 
ATOM   559 C CG1 . ILE A 1 81 ? -4.320  -0.533  2.887   1.00 18.44 ? 125 ILE A CG1 1 
ATOM   560 C CG2 . ILE A 1 81 ? -3.716  -0.031  5.267   1.00 19.97 ? 125 ILE A CG2 1 
ATOM   561 C CD1 . ILE A 1 81 ? -3.061  -1.311  2.522   1.00 18.92 ? 125 ILE A CD1 1 
ATOM   562 N N   . THR A 1 82 ? -4.565  3.531   5.068   1.00 16.80 ? 126 THR A N   1 
ATOM   563 C CA  . THR A 1 82 ? -4.264  4.443   6.179   1.00 17.73 ? 126 THR A CA  1 
ATOM   564 C C   . THR A 1 82 ? -5.108  5.716   6.233   1.00 18.80 ? 126 THR A C   1 
ATOM   565 O O   . THR A 1 82 ? -5.192  6.358   7.283   1.00 18.26 ? 126 THR A O   1 
ATOM   566 C CB  . THR A 1 82 ? -2.786  4.897   6.161   1.00 18.47 ? 126 THR A CB  1 
ATOM   567 O OG1 . THR A 1 82 ? -2.589  5.851   5.109   1.00 18.79 ? 126 THR A OG1 1 
ATOM   568 C CG2 . THR A 1 82 ? -1.859  3.713   5.966   1.00 18.55 ? 126 THR A CG2 1 
ATOM   569 N N   . GLY A 1 83 ? -5.702  6.096   5.103   1.00 17.88 ? 127 GLY A N   1 
ATOM   570 C CA  . GLY A 1 83 ? -6.448  7.341   5.006   1.00 19.28 ? 127 GLY A CA  1 
ATOM   571 C C   . GLY A 1 83 ? -5.696  8.484   4.332   1.00 19.79 ? 127 GLY A C   1 
ATOM   572 O O   . GLY A 1 83 ? -6.272  9.543   4.066   1.00 21.74 ? 127 GLY A O   1 
ATOM   573 N N   A SER A 1 84 ? -4.415  8.272   4.053   0.25 16.34 ? 128 SER A N   1 
ATOM   574 N N   B SER A 1 84 ? -4.405  8.270   4.065   0.75 16.25 ? 128 SER A N   1 
ATOM   575 C CA  A SER A 1 84 ? -3.612  9.277   3.369   0.25 16.96 ? 128 SER A CA  1 
ATOM   576 C CA  B SER A 1 84 ? -3.544  9.273   3.431   0.75 16.99 ? 128 SER A CA  1 
ATOM   577 C C   A SER A 1 84 ? -2.621  8.602   2.431   0.25 14.62 ? 128 SER A C   1 
ATOM   578 C C   B SER A 1 84 ? -2.609  8.589   2.433   0.75 14.46 ? 128 SER A C   1 
ATOM   579 O O   A SER A 1 84 ? -2.073  7.550   2.758   0.25 16.30 ? 128 SER A O   1 
ATOM   580 O O   B SER A 1 84 ? -2.098  7.509   2.717   0.75 16.29 ? 128 SER A O   1 
ATOM   581 C CB  A SER A 1 84 ? -2.868  10.147  4.379   0.25 17.47 ? 128 SER A CB  1 
ATOM   582 C CB  B SER A 1 84 ? -2.709  10.003  4.492   0.75 16.93 ? 128 SER A CB  1 
ATOM   583 O OG  A SER A 1 84 ? -2.023  9.356   5.190   0.25 18.29 ? 128 SER A OG  1 
ATOM   584 O OG  B SER A 1 84 ? -1.644  10.743  3.908   0.75 15.99 ? 128 SER A OG  1 
ATOM   585 N N   . PRO A 1 85 ? -2.395  9.204   1.257   1.00 15.05 ? 129 PRO A N   1 
ATOM   586 C CA  . PRO A 1 85 ? -1.520  8.619   0.233   1.00 15.56 ? 129 PRO A CA  1 
ATOM   587 C C   . PRO A 1 85 ? -0.073  8.561   0.692   1.00 18.39 ? 129 PRO A C   1 
ATOM   588 O O   . PRO A 1 85 ? 0.710   7.761   0.167   1.00 17.55 ? 129 PRO A O   1 
ATOM   589 C CB  . PRO A 1 85 ? -1.644  9.608   -0.932  1.00 20.32 ? 129 PRO A CB  1 
ATOM   590 C CG  . PRO A 1 85 ? -2.078  10.893  -0.275  1.00 24.62 ? 129 PRO A CG  1 
ATOM   591 C CD  . PRO A 1 85 ? -3.034  10.439  0.773   1.00 20.70 ? 129 PRO A CD  1 
ATOM   592 N N   . THR A 1 86 ? 0.279   9.408   1.657   1.00 17.05 ? 130 THR A N   1 
ATOM   593 C CA  . THR A 1 86 ? 1.660   9.487   2.128   1.00 19.58 ? 130 THR A CA  1 
ATOM   594 C C   . THR A 1 86 ? 1.805   8.972   3.558   1.00 21.99 ? 130 THR A C   1 
ATOM   595 O O   . THR A 1 86 ? 2.873   9.095   4.165   1.00 23.58 ? 130 THR A O   1 
ATOM   596 C CB  . THR A 1 86 ? 2.237   10.915  1.990   1.00 17.46 ? 130 THR A CB  1 
ATOM   597 O OG1 . THR A 1 86 ? 1.245   11.882  2.371   1.00 22.95 ? 130 THR A OG1 1 
ATOM   598 C CG2 . THR A 1 86 ? 2.662   11.172  0.543   1.00 24.23 ? 130 THR A CG2 1 
ATOM   599 N N   . GLY A 1 87 ? 0.723   8.400   4.087   1.00 20.02 ? 131 GLY A N   1 
ATOM   600 C CA  . GLY A 1 87 ? 0.743   7.702   5.364   1.00 18.51 ? 131 GLY A CA  1 
ATOM   601 C C   . GLY A 1 87 ? 0.566   8.519   6.641   1.00 18.95 ? 131 GLY A C   1 
ATOM   602 O O   . GLY A 1 87 ? 0.811   8.011   7.737   1.00 17.98 ? 131 GLY A O   1 
ATOM   603 N N   . TYR A 1 88 ? 0.139   9.773   6.515   1.00 17.31 ? 132 TYR A N   1 
ATOM   604 C CA  . TYR A 1 88 ? -0.164  10.572  7.698   1.00 18.06 ? 132 TYR A CA  1 
ATOM   605 C C   . TYR A 1 88 ? -1.380  10.016  8.430   1.00 17.22 ? 132 TYR A C   1 
ATOM   606 O O   . TYR A 1 88 ? -2.452  9.862   7.844   1.00 18.13 ? 132 TYR A O   1 
ATOM   607 C CB  . TYR A 1 88 ? -0.429  12.036  7.342   1.00 16.36 ? 132 TYR A CB  1 
ATOM   608 C CG  . TYR A 1 88 ? -0.951  12.826  8.525   1.00 17.97 ? 132 TYR A CG  1 
ATOM   609 C CD1 . TYR A 1 88 ? -0.103  13.199  9.562   1.00 16.52 ? 132 TYR A CD1 1 
ATOM   610 C CD2 . TYR A 1 88 ? -2.292  13.173  8.616   1.00 24.01 ? 132 TYR A CD2 1 
ATOM   611 C CE1 . TYR A 1 88 ? -0.571  13.917  10.647  1.00 18.09 ? 132 TYR A CE1 1 
ATOM   612 C CE2 . TYR A 1 88 ? -2.775  13.886  9.702   1.00 27.74 ? 132 TYR A CE2 1 
ATOM   613 C CZ  . TYR A 1 88 ? -1.908  14.255  10.714  1.00 24.97 ? 132 TYR A CZ  1 
ATOM   614 O OH  . TYR A 1 88 ? -2.386  14.963  11.793  1.00 26.84 ? 132 TYR A OH  1 
ATOM   615 N N   . VAL A 1 89 ? -1.198  9.723   9.713   1.00 15.68 ? 133 VAL A N   1 
ATOM   616 C CA  . VAL A 1 89 ? -2.272  9.266   10.580  1.00 18.70 ? 133 VAL A CA  1 
ATOM   617 C C   . VAL A 1 89 ? -2.155  10.028  11.894  1.00 21.73 ? 133 VAL A C   1 
ATOM   618 O O   . VAL A 1 89 ? -1.080  10.078  12.493  1.00 20.83 ? 133 VAL A O   1 
ATOM   619 C CB  . VAL A 1 89 ? -2.164  7.755   10.858  1.00 21.70 ? 133 VAL A CB  1 
ATOM   620 C CG1 . VAL A 1 89 ? -3.233  7.313   11.848  1.00 25.25 ? 133 VAL A CG1 1 
ATOM   621 C CG2 . VAL A 1 89 ? -2.257  6.962   9.553   1.00 19.96 ? 133 VAL A CG2 1 
ATOM   622 N N   . SER A 1 90 ? -3.244  10.649  12.326  1.00 24.58 ? 134 SER A N   1 
ATOM   623 C CA  . SER A 1 90 ? -3.224  11.383  13.587  1.00 33.15 ? 134 SER A CA  1 
ATOM   624 C C   . SER A 1 90 ? -3.174  10.423  14.774  1.00 45.95 ? 134 SER A C   1 
ATOM   625 O O   . SER A 1 90 ? -2.149  10.306  15.448  1.00 50.66 ? 134 SER A O   1 
ATOM   626 C CB  . SER A 1 90 ? -4.437  12.302  13.704  1.00 42.08 ? 134 SER A CB  1 
ATOM   627 O OG  . SER A 1 90 ? -4.343  13.100  14.871  1.00 55.39 ? 134 SER A OG  1 
HETATM 628 C C1  . CIT B 2 .  ? 9.450   -8.350  9.661   1.00 37.16 ? 200 CIT A C1  1 
HETATM 629 O O1  . CIT B 2 .  ? 9.446   -9.214  8.850   1.00 49.25 ? 200 CIT A O1  1 
HETATM 630 O O2  . CIT B 2 .  ? 9.688   -8.655  11.001  1.00 30.59 ? 200 CIT A O2  1 
HETATM 631 C C2  . CIT B 2 .  ? 9.000   -6.941  9.287   1.00 29.31 ? 200 CIT A C2  1 
HETATM 632 C C3  . CIT B 2 .  ? 7.586   -6.804  8.742   1.00 30.70 ? 200 CIT A C3  1 
HETATM 633 O O7  . CIT B 2 .  ? 6.680   -7.384  9.643   1.00 35.68 ? 200 CIT A O7  1 
HETATM 634 C C4  . CIT B 2 .  ? 7.266   -5.326  8.555   1.00 28.68 ? 200 CIT A C4  1 
HETATM 635 C C5  . CIT B 2 .  ? 5.897   -5.000  7.965   1.00 35.95 ? 200 CIT A C5  1 
HETATM 636 O O3  . CIT B 2 .  ? 5.084   -5.854  7.847   1.00 35.17 ? 200 CIT A O3  1 
HETATM 637 O O4  . CIT B 2 .  ? 5.484   -3.670  7.958   1.00 21.64 ? 200 CIT A O4  1 
HETATM 638 C C6  . CIT B 2 .  ? 7.515   -7.520  7.397   1.00 46.20 ? 200 CIT A C6  1 
HETATM 639 O O5  . CIT B 2 .  ? 7.065   -8.618  7.354   1.00 38.40 ? 200 CIT A O5  1 
HETATM 640 O O6  . CIT B 2 .  ? 8.375   -7.090  6.380   1.00 41.92 ? 200 CIT A O6  1 
HETATM 641 O O   . HOH C 3 .  ? 3.560   -8.910  2.555   1.00 31.80 ? 501 HOH A O   1 
HETATM 642 O O   . HOH C 3 .  ? 4.836   -9.758  4.521   1.00 37.55 ? 502 HOH A O   1 
HETATM 643 O O   . HOH C 3 .  ? 8.004   -7.225  -10.890 1.00 39.63 ? 503 HOH A O   1 
HETATM 644 O O   . HOH C 3 .  ? 11.563  5.812   -5.312  1.00 25.56 ? 504 HOH A O   1 
HETATM 645 O O   . HOH C 3 .  ? 7.079   7.145   -4.295  1.00 24.43 ? 505 HOH A O   1 
HETATM 646 O O   . HOH C 3 .  ? 3.922   10.442  -3.463  1.00 32.59 ? 506 HOH A O   1 
HETATM 647 O O   . HOH C 3 .  ? 0.049   9.750   -6.352  1.00 39.14 ? 507 HOH A O   1 
HETATM 648 O O   . HOH C 3 .  ? 5.085   8.991   -1.750  1.00 27.63 ? 508 HOH A O   1 
HETATM 649 O O   . HOH C 3 .  ? 9.988   6.896   -0.811  1.00 22.78 ? 509 HOH A O   1 
HETATM 650 O O   . HOH C 3 .  ? 9.561   6.256   -3.534  1.00 24.37 ? 510 HOH A O   1 
HETATM 651 O O   . HOH C 3 .  ? -2.962  -7.931  1.074   1.00 24.25 ? 511 HOH A O   1 
HETATM 652 O O   . HOH C 3 .  ? -12.576 -5.095  -3.448  1.00 23.57 ? 512 HOH A O   1 
HETATM 653 O O   . HOH C 3 .  ? -10.058 -10.910 0.980   1.00 33.31 ? 513 HOH A O   1 
HETATM 654 O O   . HOH C 3 .  ? -9.250  -6.295  -8.355  1.00 23.24 ? 514 HOH A O   1 
HETATM 655 O O   . HOH C 3 .  ? -1.149  -12.315 -8.325  1.00 34.48 ? 515 HOH A O   1 
HETATM 656 O O   . HOH C 3 .  ? 0.511   -9.157  -14.138 1.00 30.47 ? 516 HOH A O   1 
HETATM 657 O O   . HOH C 3 .  ? -4.987  -10.402 -5.569  1.00 31.13 ? 517 HOH A O   1 
HETATM 658 O O   . HOH C 3 .  ? -5.751  -11.984 -11.981 1.00 35.76 ? 518 HOH A O   1 
HETATM 659 O O   . HOH C 3 .  ? -8.244  -5.794  -11.431 1.00 26.78 ? 519 HOH A O   1 
HETATM 660 O O   . HOH C 3 .  ? -9.380  -5.293  -14.075 1.00 28.22 ? 520 HOH A O   1 
HETATM 661 O O   . HOH C 3 .  ? -10.999 -3.162  -13.766 1.00 22.77 ? 521 HOH A O   1 
HETATM 662 O O   . HOH C 3 .  ? -4.343  8.007   -11.245 1.00 26.95 ? 522 HOH A O   1 
HETATM 663 O O   . HOH C 3 .  ? -2.393  7.815   -6.311  1.00 23.01 ? 523 HOH A O   1 
HETATM 664 O O   . HOH C 3 .  ? -6.841  11.107  1.464   1.00 33.90 ? 524 HOH A O   1 
HETATM 665 O O   . HOH C 3 .  ? -12.654 -0.222  -7.287  1.00 33.51 ? 525 HOH A O   1 
HETATM 666 O O   . HOH C 3 .  ? 2.712   -3.245  -11.761 1.00 28.63 ? 526 HOH A O   1 
HETATM 667 O O   . HOH C 3 .  ? -15.938 -0.681  -11.530 1.00 24.71 ? 527 HOH A O   1 
HETATM 668 O O   . HOH C 3 .  ? -13.247 -0.315  -11.207 1.00 29.58 ? 528 HOH A O   1 
HETATM 669 O O   . HOH C 3 .  ? 7.812   8.713   -0.454  1.00 37.41 ? 529 HOH A O   1 
HETATM 670 O O   . HOH C 3 .  ? 10.145  10.097  6.214   1.00 19.29 ? 530 HOH A O   1 
HETATM 671 O O   . HOH C 3 .  ? 9.238   10.345  9.007   1.00 15.11 ? 531 HOH A O   1 
HETATM 672 O O   . HOH C 3 .  ? -3.790  -1.626  10.110  1.00 28.79 ? 532 HOH A O   1 
HETATM 673 O O   . HOH C 3 .  ? 4.619   6.034   13.917  1.00 20.69 ? 533 HOH A O   1 
HETATM 674 O O   . HOH C 3 .  ? 5.326   4.966   16.535  1.00 33.41 ? 534 HOH A O   1 
HETATM 675 O O   . HOH C 3 .  ? -2.439  6.367   15.529  1.00 36.30 ? 535 HOH A O   1 
HETATM 676 O O   . HOH C 3 .  ? -2.765  1.477   15.050  1.00 39.36 ? 536 HOH A O   1 
HETATM 677 O O   . HOH C 3 .  ? -13.472 -4.042  -12.768 1.00 31.22 ? 537 HOH A O   1 
HETATM 678 O O   . HOH C 3 .  ? 7.843   0.842   20.495  1.00 32.66 ? 538 HOH A O   1 
HETATM 679 O O   . HOH C 3 .  ? -6.182  7.766   -3.650  1.00 35.55 ? 539 HOH A O   1 
HETATM 680 O O   . HOH C 3 .  ? 8.239   2.025   -11.262 1.00 31.41 ? 540 HOH A O   1 
HETATM 681 O O   . HOH C 3 .  ? -11.863 -13.333 8.551   1.00 30.41 ? 541 HOH A O   1 
HETATM 682 O O   . HOH C 3 .  ? -13.619 -11.211 6.947   1.00 29.43 ? 542 HOH A O   1 
HETATM 683 O O   . HOH C 3 .  ? -7.029  5.014   -2.959  1.00 22.40 ? 543 HOH A O   1 
HETATM 684 O O   . HOH C 3 .  ? -4.414  1.943   -15.208 1.00 16.36 ? 544 HOH A O   1 
HETATM 685 O O   . HOH C 3 .  ? -4.264  1.824   -18.018 1.00 17.93 ? 545 HOH A O   1 
HETATM 686 O O   . HOH C 3 .  ? -1.867  3.139   -15.009 1.00 20.22 ? 546 HOH A O   1 
HETATM 687 O O   . HOH C 3 .  ? -5.946  6.728   -7.458  1.00 32.04 ? 547 HOH A O   1 
HETATM 688 O O   . HOH C 3 .  ? -6.931  -11.120 -16.449 1.00 40.93 ? 548 HOH A O   1 
HETATM 689 O O   . HOH C 3 .  ? -2.759  -6.470  -15.864 1.00 26.94 ? 549 HOH A O   1 
HETATM 690 O O   . HOH C 3 .  ? 1.835   -9.451  -16.562 1.00 41.25 ? 550 HOH A O   1 
HETATM 691 O O   . HOH C 3 .  ? 5.479   1.009   -13.146 1.00 36.75 ? 551 HOH A O   1 
HETATM 692 O O   . HOH C 3 .  ? 8.996   1.498   18.140  1.00 21.99 ? 552 HOH A O   1 
HETATM 693 O O   . HOH C 3 .  ? 7.566   3.675   17.198  1.00 29.35 ? 553 HOH A O   1 
HETATM 694 O O   . HOH C 3 .  ? 1.717   6.125   17.264  1.00 34.89 ? 554 HOH A O   1 
HETATM 695 O O   . HOH C 3 .  ? -6.540  8.894   -12.440 1.00 33.70 ? 555 HOH A O   1 
HETATM 696 O O   . HOH C 3 .  ? 4.627   7.903   2.293   1.00 23.66 ? 556 HOH A O   1 
HETATM 697 O O   . HOH C 3 .  ? 4.600   5.894   -4.216  1.00 20.15 ? 557 HOH A O   1 
HETATM 698 O O   . HOH C 3 .  ? -11.128 -7.522  -14.493 1.00 37.14 ? 558 HOH A O   1 
HETATM 699 O O   . HOH C 3 .  ? 5.922   -9.191  12.265  1.00 36.08 ? 559 HOH A O   1 
HETATM 700 O O   . HOH C 3 .  ? -7.249  5.110   -5.889  1.00 36.27 ? 560 HOH A O   1 
HETATM 701 O O   . HOH C 3 .  ? 8.156   7.950   -7.069  1.00 35.65 ? 561 HOH A O   1 
HETATM 702 O O   . HOH C 3 .  ? 12.286  7.995   0.510   1.00 31.90 ? 562 HOH A O   1 
HETATM 703 O O   . HOH C 3 .  ? 13.753  7.475   -3.808  1.00 39.50 ? 563 HOH A O   1 
HETATM 704 O O   . HOH C 3 .  ? -2.290  -11.326 -5.693  1.00 32.79 ? 564 HOH A O   1 
HETATM 705 O O   . HOH C 3 .  ? 5.546   -8.497  -1.209  1.00 28.99 ? 565 HOH A O   1 
HETATM 706 O O   . HOH C 3 .  ? -2.493  7.482   -13.374 1.00 37.38 ? 566 HOH A O   1 
HETATM 707 O O   . HOH C 3 .  ? -12.178 -5.325  -6.213  1.00 34.95 ? 567 HOH A O   1 
HETATM 708 O O   . HOH C 3 .  ? -3.522  8.336   -3.842  1.00 32.04 ? 568 HOH A O   1 
HETATM 709 O O   . HOH C 3 .  ? 4.067   -0.896  -14.542 1.00 37.87 ? 569 HOH A O   1 
HETATM 710 O O   . HOH C 3 .  ? -7.043  -1.490  6.475   1.00 36.81 ? 570 HOH A O   1 
HETATM 711 O O   . HOH C 3 .  ? -9.289  -2.597  7.742   1.00 44.63 ? 571 HOH A O   1 
HETATM 712 O O   . HOH C 3 .  ? 1.330   -11.111 -2.153  1.00 37.24 ? 572 HOH A O   1 
HETATM 713 O O   . HOH C 3 .  ? -13.112 -7.758  -4.064  1.00 41.97 ? 573 HOH A O   1 
HETATM 714 O O   . HOH C 3 .  ? -9.553  -9.624  -2.799  1.00 37.66 ? 574 HOH A O   1 
HETATM 715 O O   . HOH C 3 .  ? -12.816 -11.881 -2.061  1.00 46.05 ? 575 HOH A O   1 
HETATM 716 O O   . HOH C 3 .  ? -15.958 -7.888  -4.548  1.00 45.42 ? 576 HOH A O   1 
HETATM 717 O O   . HOH C 3 .  ? -1.276  -12.194 -3.265  1.00 40.40 ? 577 HOH A O   1 
HETATM 718 O O   . HOH C 3 .  ? -3.867  -11.539 -1.360  1.00 42.52 ? 578 HOH A O   1 
HETATM 719 O O   . HOH C 3 .  ? -4.007  -9.379  3.291   1.00 37.45 ? 579 HOH A O   1 
HETATM 720 O O   . HOH C 3 .  ? 0.952   -5.649  13.214  1.00 36.87 ? 580 HOH A O   1 
# 
